data_1H1C
#
_entry.id   1H1C
#
_cell.length_a   189.666
_cell.length_b   146.168
_cell.length_c   54.292
_cell.angle_alpha   90.00
_cell.angle_beta   90.00
_cell.angle_gamma   90.00
#
_symmetry.space_group_name_H-M   'P 21 21 2'
#
loop_
_entity.id
_entity.type
_entity.pdbx_description
1 polymer 'HISTIDINOL-PHOSPHATE AMINOTRANSFERASE'
2 non-polymer "PYRIDOXAL-5'-PHOSPHATE"
3 water water
#
_entity_poly.entity_id   1
_entity_poly.type   'polypeptide(L)'
_entity_poly.pdbx_seq_one_letter_code
;(MSE)NPLDLIAKRAYPYETEKRDKTYLALNENPFPFPEDLVDEVFRRLNSDALRIYYDSPDEELIEKILSYLDTDFLSK
NNVSVGNGADEIIYV(MSE)(MSE)L(MSE)FDRSVFFPPTYSCYRIFAKAVGAKFLEVPLTKDLRIPEVNVGEGDVVFI
PNPNNPTGHVFEREEIERILKTGAFVALDEAYYEFHGESYVDFLKKYENLAVIRTFSKAFSLAAQRVGYVVASEKFIDAY
NRVRLPFNVSYVSQ(MSE)FAKVALDHREIFEERTKFIVEERER(MSE)KSALRE(MSE)GYRITDSRGNFVFVF(MSE)
EKEEKERLLEHLRTKNVAVRSFREGVRITIGKREEND(MSE)ILRELEVFK
;
_entity_poly.pdbx_strand_id   A,B,C,D
#
# COMPACT_ATOMS: atom_id res chain seq x y z
N LEU A 6 -7.84 8.84 -18.18
CA LEU A 6 -8.21 8.64 -16.74
C LEU A 6 -7.89 9.86 -15.87
N ILE A 7 -8.02 9.66 -14.56
CA ILE A 7 -7.75 10.70 -13.59
C ILE A 7 -6.96 10.15 -12.40
N ALA A 8 -5.64 10.02 -12.61
CA ALA A 8 -4.72 9.54 -11.60
C ALA A 8 -4.14 10.75 -10.87
N LYS A 9 -3.98 10.60 -9.57
CA LYS A 9 -3.45 11.66 -8.73
C LYS A 9 -2.13 11.30 -8.04
N ARG A 10 -1.32 12.32 -7.83
CA ARG A 10 -0.01 12.20 -7.21
C ARG A 10 -0.10 12.25 -5.68
N ALA A 11 -1.17 12.85 -5.18
CA ALA A 11 -1.42 12.96 -3.74
C ALA A 11 -0.97 11.71 -2.98
N TYR A 12 -0.64 11.87 -1.71
CA TYR A 12 -0.20 10.75 -0.88
C TYR A 12 -1.29 9.70 -0.72
N PRO A 13 -0.93 8.42 -0.87
CA PRO A 13 -1.89 7.31 -0.75
C PRO A 13 -2.52 7.23 0.62
N TYR A 14 -3.63 6.53 0.70
CA TYR A 14 -4.33 6.36 1.96
C TYR A 14 -3.77 5.12 2.66
N GLU A 15 -3.56 5.22 3.97
CA GLU A 15 -3.01 4.11 4.74
C GLU A 15 -3.63 4.13 6.13
N THR A 16 -3.23 3.20 6.99
CA THR A 16 -3.71 3.16 8.36
C THR A 16 -2.52 2.95 9.28
N GLU A 17 -2.27 3.92 10.14
CA GLU A 17 -1.16 3.86 11.09
C GLU A 17 -0.96 2.48 11.69
N LYS A 18 0.24 1.92 11.57
CA LYS A 18 0.53 0.62 12.17
C LYS A 18 0.90 0.96 13.62
N ARG A 19 0.06 0.54 14.55
CA ARG A 19 0.25 0.87 15.97
C ARG A 19 1.09 -0.12 16.75
N ASP A 20 2.24 0.35 17.24
CA ASP A 20 3.18 -0.46 18.01
C ASP A 20 2.67 -0.80 19.41
N LYS A 21 3.44 -1.59 20.14
CA LYS A 21 3.05 -2.01 21.48
C LYS A 21 2.86 -0.78 22.37
N THR A 22 3.61 0.28 22.06
CA THR A 22 3.51 1.53 22.79
C THR A 22 3.58 2.65 21.72
N TYR A 23 2.43 3.27 21.49
CA TYR A 23 2.26 4.32 20.48
C TYR A 23 2.20 5.72 21.09
N LEU A 24 3.12 6.58 20.66
CA LEU A 24 3.18 7.95 21.15
C LEU A 24 3.33 8.90 19.96
N ALA A 25 2.70 8.52 18.83
CA ALA A 25 2.79 9.27 17.57
C ALA A 25 1.60 10.11 17.12
N LEU A 26 0.47 10.02 17.81
CA LEU A 26 -0.70 10.78 17.39
C LEU A 26 -1.40 11.68 18.40
N ASN A 27 -0.71 12.06 19.48
CA ASN A 27 -1.33 12.91 20.50
C ASN A 27 -2.69 12.41 20.97
N GLU A 28 -2.78 11.12 21.24
CA GLU A 28 -4.02 10.54 21.71
C GLU A 28 -3.99 10.54 23.24
N ASN A 29 -5.14 10.80 23.85
CA ASN A 29 -5.23 10.78 25.30
C ASN A 29 -4.83 9.37 25.74
N PRO A 30 -3.96 9.25 26.76
CA PRO A 30 -3.53 7.93 27.22
C PRO A 30 -4.61 7.08 27.82
N PHE A 31 -5.58 7.73 28.46
CA PHE A 31 -6.65 7.03 29.16
C PHE A 31 -7.93 6.84 28.35
N PRO A 32 -8.54 5.65 28.45
CA PRO A 32 -9.79 5.34 27.74
C PRO A 32 -10.94 6.26 28.17
N PHE A 33 -12.06 6.19 27.46
CA PHE A 33 -13.20 7.02 27.82
C PHE A 33 -13.78 6.40 29.06
N PRO A 34 -14.02 7.20 30.11
CA PRO A 34 -14.59 6.65 31.33
C PRO A 34 -15.65 5.62 31.01
N GLU A 35 -15.46 4.42 31.53
CA GLU A 35 -16.39 3.33 31.32
C GLU A 35 -17.76 3.75 31.84
N ASP A 36 -17.77 4.50 32.94
CA ASP A 36 -19.03 4.95 33.54
C ASP A 36 -19.79 5.83 32.60
N LEU A 37 -19.09 6.79 32.00
CA LEU A 37 -19.74 7.69 31.08
C LEU A 37 -20.27 6.91 29.86
N VAL A 38 -19.55 5.88 29.42
CA VAL A 38 -20.02 5.09 28.28
C VAL A 38 -21.40 4.56 28.55
N ASP A 39 -21.63 4.11 29.78
CA ASP A 39 -22.93 3.60 30.19
C ASP A 39 -23.96 4.72 30.18
N GLU A 40 -23.60 5.84 30.80
CA GLU A 40 -24.48 6.99 30.85
C GLU A 40 -24.96 7.30 29.43
N VAL A 41 -24.03 7.21 28.46
CA VAL A 41 -24.35 7.49 27.07
C VAL A 41 -25.46 6.61 26.53
N PHE A 42 -25.31 5.30 26.66
CA PHE A 42 -26.33 4.39 26.14
C PHE A 42 -27.63 4.40 26.93
N ARG A 43 -27.54 4.90 28.16
CA ARG A 43 -28.69 5.01 29.03
C ARG A 43 -29.59 6.14 28.51
N ARG A 44 -28.97 7.13 27.86
CA ARG A 44 -29.71 8.27 27.29
C ARG A 44 -30.10 7.92 25.84
N LEU A 45 -29.31 7.02 25.25
CA LEU A 45 -29.52 6.59 23.88
C LEU A 45 -30.98 6.25 23.61
N ASN A 46 -31.58 6.93 22.64
CA ASN A 46 -32.98 6.69 22.28
C ASN A 46 -33.12 5.80 21.06
N SER A 47 -33.49 4.55 21.30
CA SER A 47 -33.69 3.56 20.27
C SER A 47 -34.35 4.14 19.03
N ASP A 48 -35.51 4.76 19.19
CA ASP A 48 -36.24 5.34 18.05
C ASP A 48 -35.69 6.69 17.62
N ALA A 49 -34.39 6.90 17.73
CA ALA A 49 -33.83 8.18 17.30
C ALA A 49 -32.82 7.85 16.22
N LEU A 50 -32.24 6.67 16.34
CA LEU A 50 -31.26 6.19 15.41
C LEU A 50 -31.88 6.10 14.01
N ARG A 51 -33.21 6.07 13.95
CA ARG A 51 -33.94 5.95 12.68
C ARG A 51 -34.26 7.25 11.94
N ILE A 52 -33.93 8.39 12.55
CA ILE A 52 -34.21 9.69 11.94
C ILE A 52 -32.95 10.51 11.70
N TYR A 53 -33.07 11.47 10.79
CA TYR A 53 -31.98 12.37 10.47
C TYR A 53 -31.94 13.38 11.62
N TYR A 54 -31.04 13.14 12.58
CA TYR A 54 -30.90 13.98 13.75
C TYR A 54 -30.19 15.27 13.41
N ASP A 55 -30.57 16.35 14.09
CA ASP A 55 -29.93 17.62 13.85
C ASP A 55 -28.47 17.45 14.18
N SER A 56 -27.60 17.89 13.29
CA SER A 56 -26.18 17.73 13.58
C SER A 56 -25.93 18.72 14.70
N PRO A 57 -25.91 20.02 14.41
CA PRO A 57 -25.68 20.82 15.61
C PRO A 57 -26.92 20.69 16.48
N ASP A 58 -26.86 19.76 17.43
CA ASP A 58 -27.93 19.49 18.39
C ASP A 58 -28.19 20.75 19.20
N GLU A 59 -29.44 21.02 19.56
CA GLU A 59 -29.70 22.22 20.34
C GLU A 59 -29.00 22.18 21.70
N GLU A 60 -29.13 21.10 22.43
CA GLU A 60 -28.48 21.02 23.73
C GLU A 60 -26.95 20.93 23.67
N LEU A 61 -26.38 20.32 22.61
CA LEU A 61 -24.93 20.21 22.48
C LEU A 61 -24.34 21.60 22.34
N ILE A 62 -24.97 22.41 21.49
CA ILE A 62 -24.53 23.78 21.31
C ILE A 62 -24.53 24.41 22.69
N GLU A 63 -25.68 24.33 23.37
CA GLU A 63 -25.82 24.91 24.70
C GLU A 63 -24.72 24.41 25.62
N LYS A 64 -24.43 23.11 25.57
CA LYS A 64 -23.39 22.53 26.42
C LYS A 64 -22.05 23.17 26.10
N ILE A 65 -21.83 23.40 24.81
CA ILE A 65 -20.61 24.02 24.31
C ILE A 65 -20.49 25.46 24.85
N LEU A 66 -21.56 26.23 24.79
CA LEU A 66 -21.49 27.59 25.34
C LEU A 66 -21.05 27.47 26.79
N SER A 67 -21.77 26.65 27.54
CA SER A 67 -21.51 26.44 28.96
C SER A 67 -20.03 26.16 29.19
N TYR A 68 -19.43 25.46 28.23
CA TYR A 68 -18.02 25.10 28.30
C TYR A 68 -17.10 26.26 27.98
N LEU A 69 -17.46 27.04 26.97
CA LEU A 69 -16.66 28.19 26.58
C LEU A 69 -16.70 29.26 27.68
N ASP A 70 -17.78 29.23 28.46
CA ASP A 70 -18.01 30.14 29.60
C ASP A 70 -17.82 31.64 29.36
N THR A 71 -18.68 32.20 28.52
CA THR A 71 -18.62 33.62 28.23
C THR A 71 -20.02 34.18 28.29
N ASP A 72 -20.13 35.47 27.96
CA ASP A 72 -21.39 36.16 27.94
C ASP A 72 -21.77 36.55 26.53
N PHE A 73 -20.76 36.87 25.71
CA PHE A 73 -21.06 37.30 24.36
C PHE A 73 -21.33 36.21 23.35
N LEU A 74 -20.82 35.00 23.61
CA LEU A 74 -21.06 33.93 22.66
C LEU A 74 -22.50 33.41 22.79
N SER A 75 -23.19 33.27 21.66
CA SER A 75 -24.56 32.77 21.68
C SER A 75 -24.65 31.59 20.74
N LYS A 76 -25.84 31.00 20.67
CA LYS A 76 -26.07 29.85 19.81
C LYS A 76 -25.80 30.15 18.34
N ASN A 77 -25.66 31.41 17.97
CA ASN A 77 -25.41 31.72 16.57
C ASN A 77 -23.92 31.87 16.26
N ASN A 78 -23.08 31.66 17.29
CA ASN A 78 -21.63 31.73 17.16
C ASN A 78 -21.00 30.34 17.20
N VAL A 79 -21.84 29.32 17.30
CA VAL A 79 -21.36 27.95 17.42
C VAL A 79 -21.88 26.89 16.45
N SER A 80 -20.97 26.07 15.93
CA SER A 80 -21.35 24.96 15.06
C SER A 80 -20.40 23.79 15.32
N VAL A 81 -20.71 22.66 14.71
CA VAL A 81 -19.92 21.46 14.95
C VAL A 81 -19.43 20.84 13.64
N GLY A 82 -18.52 19.89 13.74
CA GLY A 82 -18.01 19.22 12.55
C GLY A 82 -17.59 17.78 12.82
N ASN A 83 -17.54 16.94 11.78
CA ASN A 83 -17.12 15.53 11.89
C ASN A 83 -15.64 15.50 12.21
N GLY A 84 -15.33 15.96 13.43
CA GLY A 84 -13.97 16.05 13.90
C GLY A 84 -13.49 17.45 13.52
N ALA A 85 -12.47 17.94 14.21
CA ALA A 85 -11.93 19.25 13.87
C ALA A 85 -11.44 19.14 12.42
N ASP A 86 -11.04 17.94 12.02
CA ASP A 86 -10.59 17.73 10.66
C ASP A 86 -11.65 18.16 9.64
N GLU A 87 -12.89 17.70 9.80
CA GLU A 87 -13.91 18.09 8.84
C GLU A 87 -14.06 19.60 8.79
N ILE A 88 -13.88 20.29 9.92
CA ILE A 88 -14.01 21.73 9.91
C ILE A 88 -12.94 22.28 8.97
N ILE A 89 -11.69 21.89 9.22
CA ILE A 89 -10.56 22.33 8.38
C ILE A 89 -10.88 22.04 6.93
N TYR A 90 -11.32 20.81 6.68
CA TYR A 90 -11.65 20.35 5.35
C TYR A 90 -12.63 21.31 4.68
N VAL A 91 -13.86 21.40 5.18
CA VAL A 91 -14.81 22.27 4.51
C VAL A 91 -14.45 23.74 4.50
N LEU A 94 -12.70 24.92 1.45
CA LEU A 94 -13.54 25.02 0.28
C LEU A 94 -14.15 26.41 0.25
N PHE A 96 -12.60 29.52 1.33
CA PHE A 96 -11.69 30.60 1.00
C PHE A 96 -10.88 30.38 -0.27
N ASP A 97 -10.55 31.49 -0.93
CA ASP A 97 -9.78 31.43 -2.18
C ASP A 97 -8.41 30.79 -1.95
N ARG A 98 -7.75 31.23 -0.88
CA ARG A 98 -6.44 30.69 -0.57
C ARG A 98 -6.24 30.34 0.91
N SER A 99 -5.65 29.17 1.15
CA SER A 99 -5.40 28.73 2.50
C SER A 99 -3.95 28.96 2.80
N VAL A 100 -3.68 29.55 3.97
CA VAL A 100 -2.31 29.85 4.36
C VAL A 100 -1.91 29.22 5.69
N PHE A 101 -0.82 28.45 5.69
CA PHE A 101 -0.33 27.86 6.93
C PHE A 101 1.19 28.00 7.03
N PHE A 102 1.76 27.67 8.18
CA PHE A 102 3.20 27.84 8.39
C PHE A 102 3.98 26.69 8.97
N PRO A 103 4.62 25.96 8.10
CA PRO A 103 5.40 24.85 8.61
C PRO A 103 6.45 25.37 9.57
N PRO A 104 6.77 24.60 10.60
CA PRO A 104 6.18 23.29 10.91
C PRO A 104 4.76 23.43 11.47
N THR A 105 3.76 22.82 10.84
CA THR A 105 2.39 22.95 11.34
C THR A 105 1.61 21.64 11.23
N TYR A 106 0.33 21.70 11.51
CA TYR A 106 -0.51 20.51 11.43
C TYR A 106 -0.38 19.95 10.01
N SER A 107 0.32 18.82 9.86
CA SER A 107 0.57 18.20 8.55
C SER A 107 -0.65 17.93 7.65
N CYS A 108 -1.83 17.78 8.22
CA CYS A 108 -3.02 17.55 7.43
C CYS A 108 -3.48 18.79 6.64
N TYR A 109 -3.08 19.97 7.09
CA TYR A 109 -3.45 21.20 6.38
C TYR A 109 -3.07 21.03 4.92
N ARG A 110 -1.77 20.80 4.72
CA ARG A 110 -1.19 20.60 3.41
C ARG A 110 -1.91 19.46 2.71
N ILE A 111 -2.00 18.31 3.37
CA ILE A 111 -2.67 17.17 2.76
C ILE A 111 -4.09 17.48 2.37
N PHE A 112 -4.86 18.02 3.31
CA PHE A 112 -6.24 18.35 3.03
C PHE A 112 -6.30 19.33 1.89
N ALA A 113 -5.41 20.32 1.95
CA ALA A 113 -5.32 21.34 0.92
C ALA A 113 -5.38 20.68 -0.45
N LYS A 114 -4.53 19.68 -0.69
CA LYS A 114 -4.52 19.00 -1.97
C LYS A 114 -5.75 18.14 -2.28
N ALA A 115 -6.29 17.45 -1.28
CA ALA A 115 -7.47 16.63 -1.54
C ALA A 115 -8.59 17.51 -2.11
N VAL A 116 -8.88 18.59 -1.40
CA VAL A 116 -9.94 19.51 -1.79
C VAL A 116 -9.65 20.28 -3.07
N GLY A 117 -8.38 20.59 -3.27
CA GLY A 117 -7.99 21.35 -4.44
C GLY A 117 -7.92 22.83 -4.11
N ALA A 118 -7.84 23.16 -2.83
CA ALA A 118 -7.77 24.56 -2.46
C ALA A 118 -6.42 25.11 -2.90
N LYS A 119 -6.32 26.42 -2.97
CA LYS A 119 -5.09 27.07 -3.34
C LYS A 119 -4.39 27.34 -2.03
N PHE A 120 -3.08 27.11 -1.96
CA PHE A 120 -2.40 27.37 -0.70
C PHE A 120 -0.97 27.88 -0.82
N LEU A 121 -0.49 28.46 0.27
CA LEU A 121 0.86 28.98 0.32
C LEU A 121 1.47 28.66 1.70
N GLU A 122 2.64 28.04 1.69
CA GLU A 122 3.34 27.67 2.92
C GLU A 122 4.50 28.59 3.25
N VAL A 123 4.40 29.26 4.39
CA VAL A 123 5.46 30.18 4.79
C VAL A 123 6.10 29.75 6.10
N PRO A 124 7.29 29.15 6.01
CA PRO A 124 8.03 28.68 7.18
C PRO A 124 8.05 29.70 8.32
N LEU A 125 8.06 29.21 9.54
CA LEU A 125 8.11 30.09 10.69
C LEU A 125 9.57 30.45 10.89
N THR A 126 9.78 31.56 11.58
CA THR A 126 11.10 32.06 11.91
C THR A 126 11.82 30.99 12.69
N LYS A 127 13.13 31.14 12.85
CA LYS A 127 13.89 30.16 13.60
C LYS A 127 13.40 30.13 15.05
N ASP A 128 12.72 31.19 15.50
CA ASP A 128 12.20 31.22 16.86
C ASP A 128 10.70 30.87 16.93
N LEU A 129 10.18 30.32 15.85
CA LEU A 129 8.76 29.94 15.83
C LEU A 129 7.81 31.11 15.94
N ARG A 130 7.95 32.06 15.02
CA ARG A 130 7.10 33.23 15.01
C ARG A 130 6.51 33.41 13.62
N ILE A 131 5.30 33.95 13.54
CA ILE A 131 4.66 34.13 12.25
C ILE A 131 5.46 35.15 11.43
N PRO A 132 5.93 34.72 10.25
CA PRO A 132 6.71 35.58 9.35
C PRO A 132 5.85 36.62 8.67
N GLU A 133 6.46 37.47 7.85
CA GLU A 133 5.70 38.49 7.12
C GLU A 133 4.89 37.79 6.03
N VAL A 134 3.68 38.25 5.79
CA VAL A 134 2.83 37.62 4.79
C VAL A 134 1.92 38.56 4.04
N ASN A 135 1.96 38.45 2.72
CA ASN A 135 1.15 39.28 1.83
C ASN A 135 -0.32 38.92 1.98
N VAL A 136 -0.67 38.35 3.13
CA VAL A 136 -2.05 37.92 3.37
C VAL A 136 -3.03 39.05 3.47
N GLY A 137 -4.30 38.75 3.17
CA GLY A 137 -5.38 39.72 3.22
C GLY A 137 -6.72 39.07 2.92
N GLU A 138 -7.80 39.85 2.93
CA GLU A 138 -9.14 39.31 2.65
C GLU A 138 -9.12 38.36 1.46
N GLY A 139 -9.97 37.34 1.51
CA GLY A 139 -10.04 36.35 0.45
C GLY A 139 -9.22 35.12 0.82
N ASP A 140 -8.39 35.26 1.86
CA ASP A 140 -7.52 34.20 2.35
C ASP A 140 -7.92 33.73 3.72
N VAL A 141 -7.65 32.47 3.99
CA VAL A 141 -7.93 31.91 5.29
C VAL A 141 -6.55 31.44 5.74
N VAL A 142 -6.14 31.88 6.92
CA VAL A 142 -4.82 31.51 7.40
C VAL A 142 -4.91 30.61 8.65
N PHE A 143 -4.55 29.34 8.49
CA PHE A 143 -4.57 28.35 9.57
C PHE A 143 -3.38 28.47 10.53
N ILE A 144 -3.69 28.74 11.78
CA ILE A 144 -2.67 28.92 12.81
C ILE A 144 -3.05 28.11 14.04
N PRO A 145 -2.55 26.87 14.16
CA PRO A 145 -2.90 26.05 15.32
C PRO A 145 -2.13 26.48 16.57
N ASN A 146 -2.83 27.08 17.50
CA ASN A 146 -2.24 27.51 18.75
C ASN A 146 -2.95 26.74 19.87
N PRO A 147 -2.22 25.96 20.68
CA PRO A 147 -0.78 25.66 20.74
C PRO A 147 -0.44 24.99 19.43
N ASN A 148 0.75 25.25 18.92
CA ASN A 148 1.19 24.72 17.65
C ASN A 148 1.48 23.23 17.58
N ASN A 149 1.28 22.64 16.41
CA ASN A 149 1.64 21.25 16.19
C ASN A 149 2.72 21.30 15.10
N PRO A 150 3.86 20.62 15.27
CA PRO A 150 4.25 19.77 16.39
C PRO A 150 5.03 20.46 17.50
N THR A 151 5.47 21.70 17.27
CA THR A 151 6.26 22.36 18.30
C THR A 151 5.51 22.49 19.62
N GLY A 152 4.23 22.80 19.53
CA GLY A 152 3.45 22.95 20.74
C GLY A 152 3.68 24.30 21.37
N HIS A 153 4.60 25.09 20.80
CA HIS A 153 4.88 26.42 21.36
C HIS A 153 3.64 27.27 21.30
N VAL A 154 3.65 28.37 22.05
CA VAL A 154 2.46 29.23 22.03
C VAL A 154 2.68 30.52 21.27
N PHE A 155 1.77 30.82 20.34
CA PHE A 155 1.87 32.05 19.59
C PHE A 155 1.38 33.15 20.53
N GLU A 156 1.88 34.37 20.33
CA GLU A 156 1.48 35.49 21.16
C GLU A 156 0.22 36.16 20.63
N ARG A 157 -0.51 36.81 21.53
CA ARG A 157 -1.73 37.52 21.17
C ARG A 157 -1.51 38.45 19.96
N GLU A 158 -0.62 39.42 20.13
CA GLU A 158 -0.28 40.41 19.10
C GLU A 158 0.17 39.73 17.80
N GLU A 159 0.66 38.51 17.91
CA GLU A 159 1.11 37.77 16.76
C GLU A 159 -0.09 37.42 15.91
N ILE A 160 -1.16 36.99 16.57
CA ILE A 160 -2.37 36.60 15.86
C ILE A 160 -3.21 37.79 15.41
N GLU A 161 -3.29 38.81 16.25
CA GLU A 161 -4.06 40.00 15.93
C GLU A 161 -3.52 40.79 14.74
N ARG A 162 -2.22 40.64 14.49
CA ARG A 162 -1.56 41.33 13.38
C ARG A 162 -2.21 40.84 12.10
N ILE A 163 -2.33 39.52 11.98
CA ILE A 163 -2.93 38.91 10.82
C ILE A 163 -4.41 39.24 10.80
N LEU A 164 -5.01 39.31 11.98
CA LEU A 164 -6.43 39.62 12.09
C LEU A 164 -6.77 40.98 11.50
N LYS A 165 -5.91 41.98 11.77
CA LYS A 165 -6.11 43.34 11.26
C LYS A 165 -5.92 43.40 9.74
N THR A 166 -5.28 42.38 9.20
CA THR A 166 -5.04 42.27 7.77
C THR A 166 -6.35 42.17 7.01
N GLY A 167 -7.38 41.71 7.69
CA GLY A 167 -8.68 41.56 7.04
C GLY A 167 -8.80 40.11 6.61
N ALA A 168 -7.66 39.44 6.58
CA ALA A 168 -7.62 38.04 6.21
C ALA A 168 -8.34 37.27 7.29
N PHE A 169 -9.03 36.21 6.90
CA PHE A 169 -9.77 35.37 7.86
C PHE A 169 -8.81 34.42 8.58
N VAL A 170 -8.75 34.50 9.90
CA VAL A 170 -7.86 33.63 10.65
C VAL A 170 -8.53 32.41 11.27
N ALA A 171 -7.92 31.25 11.02
CA ALA A 171 -8.43 30.00 11.55
C ALA A 171 -7.53 29.67 12.73
N LEU A 172 -7.96 30.02 13.93
CA LEU A 172 -7.15 29.70 15.09
C LEU A 172 -7.55 28.32 15.59
N ASP A 173 -6.72 27.35 15.22
CA ASP A 173 -6.90 25.95 15.55
C ASP A 173 -6.43 25.66 16.96
N GLU A 174 -7.37 25.70 17.90
CA GLU A 174 -7.08 25.46 19.30
C GLU A 174 -7.29 23.99 19.70
N ALA A 175 -6.97 23.07 18.79
CA ALA A 175 -7.16 21.67 19.08
C ALA A 175 -6.52 21.31 20.43
N TYR A 176 -5.50 22.07 20.82
CA TYR A 176 -4.81 21.78 22.07
C TYR A 176 -5.05 22.72 23.24
N TYR A 177 -6.14 23.49 23.17
CA TYR A 177 -6.44 24.43 24.24
C TYR A 177 -6.49 23.75 25.60
N GLU A 178 -7.22 22.64 25.70
CA GLU A 178 -7.35 21.93 26.96
C GLU A 178 -6.04 21.80 27.74
N PHE A 179 -4.90 21.75 27.04
CA PHE A 179 -3.59 21.61 27.70
C PHE A 179 -2.90 22.96 27.90
N HIS A 180 -3.65 24.01 27.71
CA HIS A 180 -3.12 25.33 27.88
C HIS A 180 -4.18 26.25 28.46
N GLY A 181 -3.81 27.07 29.41
CA GLY A 181 -4.81 27.96 30.00
C GLY A 181 -5.63 28.80 29.02
N GLU A 182 -4.94 29.70 28.33
CA GLU A 182 -5.56 30.61 27.39
C GLU A 182 -6.05 30.05 26.07
N SER A 183 -6.91 30.86 25.46
CA SER A 183 -7.52 30.62 24.16
C SER A 183 -7.91 32.02 23.73
N TYR A 184 -7.79 32.33 22.45
CA TYR A 184 -8.14 33.67 22.01
C TYR A 184 -9.52 33.78 21.37
N VAL A 185 -10.51 33.10 21.97
CA VAL A 185 -11.90 33.13 21.50
C VAL A 185 -12.50 34.54 21.63
N ASP A 186 -12.08 35.23 22.69
CA ASP A 186 -12.53 36.59 23.01
C ASP A 186 -12.31 37.59 21.88
N PHE A 187 -11.34 37.30 21.01
CA PHE A 187 -11.07 38.16 19.88
C PHE A 187 -12.38 38.37 19.07
N LEU A 188 -13.36 37.50 19.29
CA LEU A 188 -14.64 37.57 18.56
C LEU A 188 -15.46 38.78 18.96
N LYS A 189 -15.02 39.45 20.02
CA LYS A 189 -15.69 40.64 20.50
C LYS A 189 -15.39 41.77 19.53
N LYS A 190 -14.13 41.90 19.13
CA LYS A 190 -13.74 42.95 18.22
C LYS A 190 -13.85 42.52 16.75
N TYR A 191 -13.12 41.46 16.40
CA TYR A 191 -13.05 40.94 15.04
C TYR A 191 -14.01 39.83 14.66
N GLU A 192 -14.41 39.82 13.38
CA GLU A 192 -15.34 38.83 12.84
C GLU A 192 -14.61 37.85 11.94
N ASN A 193 -13.50 38.29 11.35
CA ASN A 193 -12.71 37.45 10.47
C ASN A 193 -11.89 36.41 11.25
N LEU A 194 -12.53 35.78 12.23
CA LEU A 194 -11.87 34.79 13.07
C LEU A 194 -12.81 33.66 13.47
N ALA A 195 -12.25 32.47 13.62
CA ALA A 195 -13.01 31.30 14.02
C ALA A 195 -12.04 30.44 14.82
N VAL A 196 -12.52 29.91 15.94
CA VAL A 196 -11.69 29.07 16.78
C VAL A 196 -12.15 27.64 16.60
N ILE A 197 -11.21 26.73 16.33
CA ILE A 197 -11.52 25.31 16.14
C ILE A 197 -11.18 24.55 17.41
N ARG A 198 -12.18 23.87 17.97
CA ARG A 198 -12.01 23.08 19.19
C ARG A 198 -12.30 21.62 18.89
N THR A 199 -11.98 20.74 19.82
CA THR A 199 -12.19 19.32 19.58
C THR A 199 -12.28 18.46 20.82
N PHE A 200 -13.03 17.37 20.73
CA PHE A 200 -13.14 16.42 21.83
C PHE A 200 -12.19 15.20 21.61
N SER A 201 -11.43 15.20 20.51
CA SER A 201 -10.52 14.09 20.25
C SER A 201 -9.39 13.96 21.25
N LYS A 202 -8.76 15.10 21.59
CA LYS A 202 -7.66 15.17 22.55
C LYS A 202 -7.69 14.91 24.05
N ALA A 203 -8.30 15.83 24.79
CA ALA A 203 -8.37 15.68 26.24
C ALA A 203 -9.59 14.91 26.72
N PHE A 204 -10.54 14.67 25.83
CA PHE A 204 -11.77 13.93 26.17
C PHE A 204 -11.80 12.45 25.79
N SER A 205 -10.67 11.91 25.36
CA SER A 205 -10.58 10.50 24.97
C SER A 205 -11.77 10.10 24.11
N LEU A 206 -12.06 10.92 23.11
CA LEU A 206 -13.19 10.72 22.22
C LEU A 206 -12.79 10.86 20.73
N ALA A 207 -11.50 10.74 20.43
CA ALA A 207 -11.01 10.87 19.05
C ALA A 207 -11.67 9.87 18.09
N ALA A 208 -12.08 8.74 18.62
CA ALA A 208 -12.71 7.69 17.84
C ALA A 208 -14.14 8.06 17.43
N GLN A 209 -14.67 9.11 18.05
CA GLN A 209 -16.03 9.52 17.77
C GLN A 209 -16.16 10.80 16.98
N ARG A 210 -15.01 11.26 16.49
CA ARG A 210 -14.92 12.45 15.68
C ARG A 210 -15.97 13.49 16.02
N VAL A 211 -15.62 14.42 16.89
CA VAL A 211 -16.54 15.47 17.28
C VAL A 211 -15.80 16.78 17.55
N GLY A 212 -15.90 17.71 16.61
CA GLY A 212 -15.24 19.00 16.75
C GLY A 212 -16.20 20.18 16.59
N TYR A 213 -15.82 21.33 17.13
CA TYR A 213 -16.67 22.50 17.03
C TYR A 213 -15.92 23.78 16.74
N VAL A 214 -16.61 24.72 16.10
CA VAL A 214 -16.07 26.01 15.73
C VAL A 214 -16.83 27.12 16.41
N VAL A 215 -16.11 28.13 16.89
CA VAL A 215 -16.77 29.25 17.51
C VAL A 215 -16.34 30.39 16.63
N ALA A 216 -17.29 31.05 15.99
CA ALA A 216 -16.93 32.15 15.13
C ALA A 216 -18.07 33.15 15.11
N SER A 217 -17.87 34.26 14.40
CA SER A 217 -18.88 35.29 14.30
C SER A 217 -20.13 34.71 13.64
N GLU A 218 -21.29 35.22 14.08
CA GLU A 218 -22.56 34.76 13.55
C GLU A 218 -22.60 34.75 12.02
N LYS A 219 -22.01 35.75 11.38
CA LYS A 219 -22.08 35.77 9.93
C LYS A 219 -21.31 34.63 9.28
N PHE A 220 -20.24 34.20 9.93
CA PHE A 220 -19.41 33.12 9.41
C PHE A 220 -20.08 31.75 9.48
N ILE A 221 -20.58 31.42 10.67
CA ILE A 221 -21.28 30.16 10.92
C ILE A 221 -22.38 30.03 9.87
N ASP A 222 -23.18 31.06 9.77
CA ASP A 222 -24.26 31.11 8.79
C ASP A 222 -23.76 30.55 7.45
N ALA A 223 -22.56 30.96 7.05
CA ALA A 223 -21.98 30.51 5.79
C ALA A 223 -21.53 29.06 5.86
N TYR A 224 -20.73 28.74 6.87
CA TYR A 224 -20.23 27.39 7.09
C TYR A 224 -21.34 26.33 7.01
N ASN A 225 -22.43 26.53 7.76
CA ASN A 225 -23.53 25.56 7.73
C ASN A 225 -24.08 25.32 6.33
N ARG A 226 -23.95 26.30 5.45
CA ARG A 226 -24.45 26.14 4.11
C ARG A 226 -23.52 25.22 3.30
N VAL A 227 -22.23 25.28 3.61
CA VAL A 227 -21.25 24.48 2.86
C VAL A 227 -21.07 23.05 3.33
N ARG A 228 -20.93 22.87 4.64
CA ARG A 228 -20.70 21.56 5.23
C ARG A 228 -21.86 20.62 5.03
N LEU A 229 -21.60 19.32 5.18
CA LEU A 229 -22.67 18.36 5.04
C LEU A 229 -23.71 18.66 6.15
N PRO A 230 -25.02 18.58 5.83
CA PRO A 230 -26.06 18.87 6.83
C PRO A 230 -25.95 17.99 8.09
N PHE A 231 -25.87 16.68 7.92
CA PHE A 231 -25.78 15.74 9.04
C PHE A 231 -24.35 15.19 9.17
N ASN A 232 -23.43 15.99 9.71
CA ASN A 232 -22.04 15.53 9.82
C ASN A 232 -21.67 14.93 11.15
N VAL A 233 -22.58 14.96 12.12
CA VAL A 233 -22.29 14.38 13.42
C VAL A 233 -23.42 13.44 13.83
N SER A 234 -23.07 12.18 14.09
CA SER A 234 -24.03 11.15 14.46
C SER A 234 -24.70 11.41 15.81
N TYR A 235 -25.96 11.01 15.93
CA TYR A 235 -26.72 11.18 17.17
C TYR A 235 -25.93 10.62 18.36
N VAL A 236 -25.43 9.41 18.22
CA VAL A 236 -24.65 8.85 19.30
C VAL A 236 -23.39 9.66 19.55
N SER A 237 -22.73 10.15 18.49
CA SER A 237 -21.49 10.93 18.68
C SER A 237 -21.72 12.19 19.46
N GLN A 238 -22.84 12.85 19.23
CA GLN A 238 -23.10 14.08 19.96
C GLN A 238 -23.31 13.67 21.39
N PHE A 240 -22.16 11.34 23.20
CA PHE A 240 -20.85 11.19 23.83
C PHE A 240 -20.26 12.53 24.23
N ALA A 241 -20.21 13.47 23.29
CA ALA A 241 -19.68 14.80 23.53
C ALA A 241 -20.48 15.47 24.64
N LYS A 242 -21.80 15.36 24.53
CA LYS A 242 -22.66 15.94 25.54
C LYS A 242 -22.33 15.41 26.93
N VAL A 243 -22.62 14.15 27.23
CA VAL A 243 -22.32 13.71 28.57
C VAL A 243 -20.91 14.10 28.96
N ALA A 244 -19.97 14.03 28.00
CA ALA A 244 -18.58 14.36 28.27
C ALA A 244 -18.51 15.72 28.95
N LEU A 245 -19.28 16.67 28.43
CA LEU A 245 -19.31 18.00 29.01
C LEU A 245 -19.95 18.01 30.39
N ASP A 246 -20.96 17.17 30.58
CA ASP A 246 -21.62 17.10 31.87
C ASP A 246 -20.72 16.46 32.91
N HIS A 247 -19.52 16.05 32.50
CA HIS A 247 -18.58 15.42 33.43
C HIS A 247 -17.18 15.93 33.16
N ARG A 248 -17.07 17.19 32.72
CA ARG A 248 -15.76 17.76 32.40
C ARG A 248 -14.74 17.58 33.53
N GLU A 249 -15.20 17.56 34.77
CA GLU A 249 -14.31 17.37 35.91
C GLU A 249 -13.40 16.15 35.70
N ILE A 250 -14.02 14.99 35.48
CA ILE A 250 -13.27 13.76 35.25
C ILE A 250 -12.14 14.02 34.25
N PHE A 251 -12.42 14.79 33.20
CA PHE A 251 -11.44 15.06 32.18
C PHE A 251 -10.36 16.05 32.58
N GLU A 252 -10.78 17.22 33.01
CA GLU A 252 -9.85 18.27 33.40
C GLU A 252 -8.80 17.70 34.34
N GLU A 253 -9.18 16.70 35.12
CA GLU A 253 -8.27 16.08 36.06
C GLU A 253 -7.25 15.22 35.34
N ARG A 254 -7.62 14.71 34.17
CA ARG A 254 -6.70 13.90 33.38
C ARG A 254 -5.77 14.85 32.66
N THR A 255 -6.30 15.99 32.27
CA THR A 255 -5.51 16.99 31.60
C THR A 255 -4.45 17.46 32.60
N LYS A 256 -4.88 17.71 33.82
CA LYS A 256 -3.96 18.16 34.86
C LYS A 256 -2.78 17.19 34.85
N PHE A 257 -3.08 15.91 34.73
CA PHE A 257 -2.07 14.88 34.72
C PHE A 257 -1.20 14.97 33.48
N ILE A 258 -1.85 15.16 32.33
CA ILE A 258 -1.13 15.23 31.07
C ILE A 258 -0.07 16.30 31.19
N VAL A 259 -0.49 17.51 31.59
CA VAL A 259 0.44 18.62 31.73
C VAL A 259 1.47 18.39 32.84
N GLU A 260 1.01 18.14 34.06
CA GLU A 260 1.93 17.92 35.16
C GLU A 260 2.96 16.90 34.75
N GLU A 261 2.55 16.00 33.86
CA GLU A 261 3.43 14.96 33.36
C GLU A 261 4.33 15.50 32.26
N ARG A 262 3.79 16.39 31.44
CA ARG A 262 4.53 16.99 30.35
C ARG A 262 5.63 17.92 30.87
N GLU A 263 5.26 18.85 31.74
CA GLU A 263 6.20 19.80 32.32
C GLU A 263 7.31 19.07 33.04
N ARG A 264 6.99 17.91 33.60
CA ARG A 264 7.99 17.11 34.30
C ARG A 264 8.98 16.72 33.22
N LYS A 266 9.72 17.64 30.40
CA LYS A 266 10.54 18.70 29.83
C LYS A 266 11.74 18.98 30.72
N SER A 267 11.46 19.40 31.96
CA SER A 267 12.50 19.71 32.91
C SER A 267 13.57 18.64 32.89
N ALA A 268 13.15 17.39 32.74
CA ALA A 268 14.06 16.24 32.71
C ALA A 268 14.83 16.11 31.41
N LEU A 269 14.16 16.44 30.31
CA LEU A 269 14.78 16.35 29.00
C LEU A 269 15.85 17.44 28.87
N ARG A 270 15.58 18.59 29.46
CA ARG A 270 16.56 19.67 29.41
C ARG A 270 17.83 19.25 30.13
N GLU A 271 17.70 18.70 31.34
CA GLU A 271 18.87 18.24 32.11
C GLU A 271 19.68 17.27 31.25
N GLY A 273 20.30 17.60 28.52
CA GLY A 273 21.10 18.45 27.67
C GLY A 273 20.28 18.80 26.47
N TYR A 274 19.23 18.01 26.25
CA TYR A 274 18.32 18.17 25.13
C TYR A 274 17.73 19.57 24.93
N ARG A 275 17.60 19.94 23.66
CA ARG A 275 17.03 21.22 23.29
C ARG A 275 15.56 20.96 22.91
N ILE A 276 14.66 21.37 23.79
CA ILE A 276 13.24 21.16 23.56
C ILE A 276 12.50 22.47 23.33
N THR A 277 11.21 22.34 23.07
CA THR A 277 10.35 23.49 22.85
C THR A 277 9.60 23.76 24.17
N ASP A 278 8.96 24.91 24.31
CA ASP A 278 8.18 25.14 25.53
C ASP A 278 6.75 24.69 25.20
N SER A 279 6.63 23.43 24.74
CA SER A 279 5.37 22.84 24.36
C SER A 279 4.25 23.02 25.38
N ARG A 280 3.10 23.52 24.91
CA ARG A 280 1.94 23.71 25.77
C ARG A 280 0.78 22.80 25.37
N GLY A 281 1.12 21.70 24.70
CA GLY A 281 0.12 20.73 24.27
C GLY A 281 0.33 19.39 24.95
N ASN A 282 -0.48 18.38 24.61
CA ASN A 282 -0.32 17.06 25.22
C ASN A 282 0.87 16.26 24.64
N PHE A 283 2.01 16.92 24.49
CA PHE A 283 3.20 16.29 23.95
C PHE A 283 4.44 17.12 24.22
N VAL A 284 5.60 16.65 23.76
CA VAL A 284 6.85 17.38 23.93
C VAL A 284 7.61 17.29 22.62
N PHE A 285 8.19 18.39 22.18
CA PHE A 285 8.96 18.35 20.94
C PHE A 285 10.44 18.45 21.29
N VAL A 286 11.24 17.54 20.75
CA VAL A 286 12.65 17.49 21.05
C VAL A 286 13.52 17.59 19.81
N PHE A 287 14.17 18.72 19.61
CA PHE A 287 15.03 18.90 18.45
C PHE A 287 16.20 17.93 18.52
N GLU A 289 19.65 16.38 15.90
CA GLU A 289 20.40 16.51 14.66
C GLU A 289 20.53 15.22 13.86
N LYS A 290 19.64 15.10 12.88
CA LYS A 290 19.54 13.97 11.94
C LYS A 290 20.31 12.68 12.26
N GLU A 291 21.55 12.59 11.76
CA GLU A 291 22.39 11.41 11.93
C GLU A 291 22.70 10.98 13.36
N GLU A 292 21.68 11.06 14.20
CA GLU A 292 21.73 10.67 15.59
C GLU A 292 20.30 10.69 16.08
N LYS A 293 19.48 11.38 15.31
CA LYS A 293 18.05 11.46 15.59
C LYS A 293 17.54 10.12 15.08
N GLU A 294 18.14 9.65 13.98
CA GLU A 294 17.76 8.37 13.42
C GLU A 294 18.17 7.27 14.37
N ARG A 295 19.37 7.40 14.94
CA ARG A 295 19.84 6.39 15.87
C ARG A 295 18.95 6.28 17.06
N LEU A 296 18.13 7.30 17.29
CA LEU A 296 17.20 7.27 18.40
C LEU A 296 16.01 6.43 17.96
N LEU A 297 15.47 6.78 16.80
CA LEU A 297 14.33 6.06 16.24
C LEU A 297 14.67 4.62 16.00
N GLU A 298 15.77 4.37 15.32
CA GLU A 298 16.19 3.01 15.05
C GLU A 298 16.07 2.22 16.34
N HIS A 299 16.58 2.78 17.43
CA HIS A 299 16.50 2.09 18.68
C HIS A 299 15.05 1.90 19.07
N LEU A 300 14.30 2.98 19.20
CA LEU A 300 12.91 2.89 19.59
C LEU A 300 12.13 1.85 18.77
N ARG A 301 12.42 1.75 17.48
CA ARG A 301 11.72 0.77 16.65
C ARG A 301 12.15 -0.62 17.09
N THR A 302 13.40 -0.73 17.51
CA THR A 302 13.94 -1.98 17.98
C THR A 302 13.19 -2.40 19.24
N LYS A 303 12.87 -1.43 20.10
CA LYS A 303 12.14 -1.72 21.33
C LYS A 303 10.63 -1.52 21.26
N ASN A 304 10.06 -1.67 20.06
CA ASN A 304 8.60 -1.53 19.88
C ASN A 304 8.02 -0.29 20.57
N VAL A 305 8.44 0.87 20.09
CA VAL A 305 7.99 2.17 20.60
C VAL A 305 7.75 3.11 19.42
N ALA A 306 6.62 3.80 19.41
CA ALA A 306 6.33 4.71 18.30
C ALA A 306 6.27 6.18 18.68
N VAL A 307 7.13 6.99 18.05
CA VAL A 307 7.07 8.43 18.28
C VAL A 307 6.93 9.07 16.92
N ARG A 308 6.41 10.29 16.89
CA ARG A 308 6.18 11.03 15.65
C ARG A 308 7.41 11.73 15.17
N SER A 309 7.99 11.23 14.08
CA SER A 309 9.22 11.82 13.51
C SER A 309 8.97 13.04 12.65
N PHE A 310 9.80 14.06 12.84
CA PHE A 310 9.65 15.29 12.08
C PHE A 310 10.93 15.83 11.47
N ARG A 311 10.79 16.91 10.73
CA ARG A 311 11.91 17.57 10.08
C ARG A 311 13.11 17.72 11.02
N GLU A 312 13.00 18.63 11.99
CA GLU A 312 14.07 18.93 12.95
C GLU A 312 14.23 18.04 14.18
N GLY A 313 13.21 17.25 14.50
CA GLY A 313 13.28 16.39 15.66
C GLY A 313 12.13 15.41 15.74
N VAL A 314 11.70 15.12 16.96
CA VAL A 314 10.61 14.17 17.18
C VAL A 314 9.58 14.71 18.17
N ARG A 315 8.30 14.44 17.90
CA ARG A 315 7.23 14.87 18.79
C ARG A 315 6.76 13.64 19.55
N ILE A 316 6.81 13.71 20.87
CA ILE A 316 6.42 12.58 21.67
C ILE A 316 5.17 12.96 22.42
N THR A 317 4.22 12.03 22.46
CA THR A 317 2.95 12.21 23.12
C THR A 317 3.04 11.71 24.55
N ILE A 318 2.33 12.39 25.43
CA ILE A 318 2.32 12.02 26.85
C ILE A 318 1.37 10.87 27.02
N GLY A 319 1.91 9.72 27.42
CA GLY A 319 1.06 8.57 27.63
C GLY A 319 0.95 8.29 29.11
N LYS A 320 0.79 7.03 29.49
CA LYS A 320 0.72 6.70 30.89
C LYS A 320 2.07 6.95 31.51
N ARG A 321 2.09 7.14 32.82
CA ARG A 321 3.31 7.39 33.58
C ARG A 321 4.44 6.43 33.24
N GLU A 322 4.16 5.13 33.27
CA GLU A 322 5.18 4.13 32.95
C GLU A 322 5.77 4.36 31.57
N GLU A 323 4.98 4.94 30.67
CA GLU A 323 5.43 5.20 29.31
C GLU A 323 6.33 6.43 29.31
N ASN A 324 5.86 7.48 29.98
CA ASN A 324 6.62 8.71 30.08
C ASN A 324 7.95 8.43 30.75
N ASP A 325 7.93 7.50 31.71
CA ASP A 325 9.11 7.08 32.44
C ASP A 325 10.14 6.41 31.50
N ILE A 327 10.33 6.85 27.96
CA ILE A 327 10.94 7.81 27.02
C ILE A 327 12.15 8.49 27.67
N LEU A 328 11.97 9.06 28.86
CA LEU A 328 13.06 9.71 29.56
C LEU A 328 14.27 8.81 29.63
N ARG A 329 14.06 7.57 30.03
CA ARG A 329 15.17 6.63 30.12
C ARG A 329 15.82 6.43 28.77
N GLU A 330 15.00 6.08 27.78
CA GLU A 330 15.50 5.84 26.44
C GLU A 330 16.23 7.03 25.89
N LEU A 331 15.79 8.23 26.20
CA LEU A 331 16.49 9.38 25.68
C LEU A 331 17.79 9.66 26.44
N GLU A 332 17.87 9.27 27.71
CA GLU A 332 19.11 9.50 28.47
C GLU A 332 20.29 8.83 27.77
N VAL A 333 20.12 7.54 27.48
CA VAL A 333 21.16 6.75 26.83
C VAL A 333 21.53 7.30 25.46
N PHE A 334 21.02 8.49 25.12
CA PHE A 334 21.32 9.15 23.84
C PHE A 334 21.59 10.65 24.02
N LYS A 335 20.63 11.42 24.09
N LYS B 21 -46.84 14.74 15.66
CA LYS B 21 -46.88 15.11 14.21
C LYS B 21 -46.43 13.96 13.32
N THR B 22 -47.39 13.15 12.87
CA THR B 22 -47.12 12.02 11.99
C THR B 22 -46.16 12.44 10.86
N TYR B 23 -44.91 12.03 10.98
CA TYR B 23 -43.86 12.41 10.02
C TYR B 23 -43.58 11.45 8.89
N LEU B 24 -43.80 11.89 7.66
CA LEU B 24 -43.55 11.07 6.47
C LEU B 24 -42.82 11.85 5.40
N ALA B 25 -41.85 12.67 5.80
CA ALA B 25 -41.12 13.52 4.86
C ALA B 25 -39.68 13.20 4.48
N LEU B 26 -39.00 12.34 5.20
CA LEU B 26 -37.61 12.07 4.84
C LEU B 26 -37.21 10.64 4.50
N ASN B 27 -38.20 9.82 4.19
CA ASN B 27 -37.95 8.43 3.87
C ASN B 27 -37.24 7.73 5.01
N GLU B 28 -37.60 8.11 6.23
CA GLU B 28 -37.01 7.50 7.39
C GLU B 28 -37.75 6.22 7.75
N ASN B 29 -36.98 5.18 8.06
CA ASN B 29 -37.53 3.89 8.44
C ASN B 29 -38.45 4.09 9.64
N PRO B 30 -39.69 3.59 9.56
CA PRO B 30 -40.67 3.73 10.65
C PRO B 30 -40.23 3.02 11.93
N PHE B 31 -39.40 2.00 11.74
CA PHE B 31 -38.93 1.17 12.86
C PHE B 31 -37.71 1.67 13.58
N PRO B 32 -37.75 1.67 14.92
CA PRO B 32 -36.58 2.14 15.67
C PRO B 32 -35.54 1.04 15.51
N PHE B 33 -34.32 1.28 15.96
CA PHE B 33 -33.28 0.28 15.85
C PHE B 33 -33.56 -0.75 16.95
N PRO B 34 -33.59 -2.04 16.60
CA PRO B 34 -33.85 -3.07 17.61
C PRO B 34 -33.07 -2.84 18.89
N GLU B 35 -33.77 -2.83 20.02
CA GLU B 35 -33.13 -2.61 21.33
C GLU B 35 -32.09 -3.68 21.63
N ASP B 36 -32.41 -4.91 21.25
CA ASP B 36 -31.49 -6.03 21.42
C ASP B 36 -30.17 -5.60 20.84
N LEU B 37 -30.20 -5.24 19.56
CA LEU B 37 -29.01 -4.82 18.84
C LEU B 37 -28.25 -3.63 19.44
N VAL B 38 -28.96 -2.65 19.98
CA VAL B 38 -28.28 -1.52 20.59
C VAL B 38 -27.41 -2.09 21.69
N ASP B 39 -27.95 -3.02 22.47
CA ASP B 39 -27.18 -3.64 23.55
C ASP B 39 -25.91 -4.29 23.02
N GLU B 40 -26.05 -5.14 22.00
CA GLU B 40 -24.88 -5.82 21.44
C GLU B 40 -23.81 -4.83 21.04
N VAL B 41 -24.23 -3.71 20.45
CA VAL B 41 -23.29 -2.68 20.07
C VAL B 41 -22.57 -2.29 21.36
N PHE B 42 -23.33 -1.71 22.29
CA PHE B 42 -22.78 -1.29 23.57
C PHE B 42 -21.89 -2.34 24.25
N ARG B 43 -22.28 -3.60 24.16
CA ARG B 43 -21.54 -4.68 24.81
C ARG B 43 -20.35 -5.15 24.02
N ARG B 44 -20.20 -4.62 22.81
CA ARG B 44 -19.14 -5.06 21.96
C ARG B 44 -18.12 -3.97 21.68
N LEU B 45 -18.29 -2.81 22.31
CA LEU B 45 -17.36 -1.71 22.09
C LEU B 45 -16.37 -1.60 23.22
N ASN B 46 -15.10 -1.39 22.87
CA ASN B 46 -14.04 -1.29 23.84
C ASN B 46 -13.75 0.15 24.20
N SER B 47 -14.07 0.50 25.43
CA SER B 47 -13.86 1.84 25.92
C SER B 47 -12.45 2.36 25.56
N ASP B 48 -11.48 1.45 25.53
CA ASP B 48 -10.09 1.82 25.23
C ASP B 48 -9.88 2.22 23.78
N ALA B 49 -10.88 1.99 22.95
CA ALA B 49 -10.80 2.28 21.55
C ALA B 49 -11.23 3.70 21.27
N LEU B 50 -12.16 4.20 22.08
CA LEU B 50 -12.69 5.55 21.91
C LEU B 50 -11.67 6.70 22.00
N ARG B 51 -10.52 6.44 22.61
CA ARG B 51 -9.48 7.46 22.77
C ARG B 51 -8.59 7.62 21.54
N ILE B 52 -8.49 6.55 20.76
CA ILE B 52 -7.63 6.57 19.56
C ILE B 52 -8.35 6.81 18.26
N TYR B 53 -7.57 7.10 17.23
CA TYR B 53 -8.10 7.35 15.90
C TYR B 53 -8.32 6.03 15.22
N TYR B 54 -9.48 5.45 15.46
CA TYR B 54 -9.89 4.17 14.90
C TYR B 54 -9.91 4.21 13.36
N ASP B 55 -9.46 3.13 12.72
CA ASP B 55 -9.44 3.04 11.25
C ASP B 55 -10.83 3.33 10.68
N SER B 56 -10.89 4.16 9.63
CA SER B 56 -12.19 4.50 9.04
C SER B 56 -12.86 3.24 8.51
N PRO B 57 -12.48 2.75 7.33
CA PRO B 57 -13.25 1.53 7.04
C PRO B 57 -12.60 0.44 7.88
N ASP B 58 -13.38 -0.18 8.75
CA ASP B 58 -12.93 -1.26 9.63
C ASP B 58 -12.59 -2.43 8.73
N GLU B 59 -11.61 -3.23 9.12
CA GLU B 59 -11.30 -4.36 8.26
C GLU B 59 -12.49 -5.29 8.29
N GLU B 60 -13.08 -5.41 9.47
CA GLU B 60 -14.25 -6.24 9.66
C GLU B 60 -15.46 -5.68 8.92
N LEU B 61 -15.76 -4.38 9.09
CA LEU B 61 -16.91 -3.76 8.42
C LEU B 61 -16.93 -4.07 6.92
N ILE B 62 -15.78 -3.92 6.27
CA ILE B 62 -15.72 -4.18 4.83
C ILE B 62 -16.07 -5.63 4.55
N GLU B 63 -15.53 -6.55 5.35
CA GLU B 63 -15.81 -7.98 5.19
C GLU B 63 -17.29 -8.27 5.27
N LYS B 64 -17.99 -7.56 6.14
CA LYS B 64 -19.42 -7.75 6.26
C LYS B 64 -20.13 -7.11 5.09
N ILE B 65 -19.66 -5.95 4.66
CA ILE B 65 -20.28 -5.29 3.52
C ILE B 65 -20.19 -6.18 2.29
N LEU B 66 -19.13 -6.99 2.20
CA LEU B 66 -18.99 -7.87 1.05
C LEU B 66 -19.93 -9.05 1.09
N SER B 67 -19.99 -9.72 2.22
CA SER B 67 -20.86 -10.87 2.36
C SER B 67 -22.33 -10.45 2.25
N TYR B 68 -22.58 -9.15 2.38
CA TYR B 68 -23.93 -8.58 2.28
C TYR B 68 -24.21 -8.29 0.80
N LEU B 69 -23.15 -7.93 0.07
CA LEU B 69 -23.26 -7.66 -1.36
C LEU B 69 -23.38 -8.99 -2.11
N ASP B 70 -22.84 -10.05 -1.51
CA ASP B 70 -22.90 -11.40 -2.05
C ASP B 70 -22.47 -11.53 -3.52
N THR B 71 -21.20 -11.24 -3.81
CA THR B 71 -20.72 -11.35 -5.19
C THR B 71 -19.54 -12.30 -5.28
N ASP B 72 -18.90 -12.33 -6.45
CA ASP B 72 -17.74 -13.18 -6.66
C ASP B 72 -16.67 -12.47 -7.47
N PHE B 73 -16.79 -11.16 -7.56
CA PHE B 73 -15.80 -10.41 -8.30
C PHE B 73 -15.19 -9.31 -7.45
N LEU B 74 -16.04 -8.59 -6.72
CA LEU B 74 -15.55 -7.51 -5.89
C LEU B 74 -14.85 -8.04 -4.64
N SER B 75 -13.84 -7.30 -4.20
CA SER B 75 -13.05 -7.68 -3.05
C SER B 75 -12.98 -6.60 -1.97
N LYS B 76 -11.99 -6.67 -1.10
CA LYS B 76 -11.84 -5.68 -0.06
C LYS B 76 -11.54 -4.35 -0.73
N ASN B 77 -10.69 -4.39 -1.74
CA ASN B 77 -10.29 -3.19 -2.43
C ASN B 77 -11.40 -2.55 -3.24
N ASN B 78 -12.52 -3.23 -3.40
CA ASN B 78 -13.61 -2.67 -4.17
C ASN B 78 -14.61 -1.88 -3.31
N VAL B 79 -14.31 -1.78 -2.03
CA VAL B 79 -15.22 -1.11 -1.10
C VAL B 79 -14.60 -0.07 -0.19
N SER B 80 -15.40 0.92 0.14
CA SER B 80 -14.95 1.94 1.07
C SER B 80 -16.19 2.47 1.70
N VAL B 81 -16.02 3.41 2.62
CA VAL B 81 -17.17 3.90 3.34
C VAL B 81 -17.14 5.41 3.46
N GLY B 82 -18.32 5.97 3.75
CA GLY B 82 -18.43 7.42 3.92
C GLY B 82 -19.32 7.77 5.10
N ASN B 83 -19.22 9.00 5.58
CA ASN B 83 -20.04 9.48 6.68
C ASN B 83 -21.42 9.71 6.10
N GLY B 84 -22.15 8.62 5.91
CA GLY B 84 -23.47 8.72 5.30
C GLY B 84 -23.22 8.75 3.81
N ALA B 85 -24.13 8.19 3.02
CA ALA B 85 -23.97 8.20 1.58
C ALA B 85 -23.57 9.59 1.12
N ASP B 86 -24.18 10.60 1.72
CA ASP B 86 -23.87 11.97 1.39
C ASP B 86 -22.40 12.30 1.24
N GLU B 87 -21.64 12.15 2.31
CA GLU B 87 -20.24 12.46 2.25
C GLU B 87 -19.62 11.84 1.00
N ILE B 88 -20.15 10.70 0.60
CA ILE B 88 -19.64 10.02 -0.56
C ILE B 88 -19.91 10.91 -1.75
N ILE B 89 -21.17 11.32 -1.89
CA ILE B 89 -21.55 12.22 -2.97
C ILE B 89 -20.72 13.50 -2.86
N TYR B 90 -20.70 14.07 -1.66
CA TYR B 90 -19.99 15.31 -1.39
C TYR B 90 -18.51 15.27 -1.83
N VAL B 91 -17.84 14.16 -1.60
CA VAL B 91 -16.43 14.10 -1.96
C VAL B 91 -16.22 13.72 -3.42
N LEU B 94 -15.93 16.47 -5.90
CA LEU B 94 -14.65 17.14 -5.67
C LEU B 94 -13.55 16.57 -6.55
N PHE B 96 -14.10 15.38 -9.82
CA PHE B 96 -14.52 15.29 -11.22
C PHE B 96 -14.73 16.69 -11.78
N ASP B 97 -14.40 16.87 -13.05
CA ASP B 97 -14.52 18.17 -13.70
C ASP B 97 -15.93 18.70 -13.62
N ARG B 98 -16.89 17.85 -13.96
CA ARG B 98 -18.28 18.27 -13.93
C ARG B 98 -19.22 17.20 -13.39
N SER B 99 -20.19 17.65 -12.60
CA SER B 99 -21.19 16.74 -12.07
C SER B 99 -22.43 16.93 -12.92
N VAL B 100 -23.08 15.83 -13.27
CA VAL B 100 -24.27 15.90 -14.10
C VAL B 100 -25.41 15.05 -13.55
N PHE B 101 -26.53 15.68 -13.19
CA PHE B 101 -27.66 14.93 -12.70
C PHE B 101 -28.91 15.37 -13.45
N PHE B 102 -30.06 14.76 -13.15
CA PHE B 102 -31.27 15.07 -13.89
C PHE B 102 -32.51 15.30 -13.09
N PRO B 103 -32.80 16.56 -12.81
CA PRO B 103 -34.03 16.80 -12.04
C PRO B 103 -35.25 16.15 -12.71
N PRO B 104 -36.18 15.64 -11.89
CA PRO B 104 -36.15 15.66 -10.43
C PRO B 104 -35.34 14.48 -9.90
N THR B 105 -34.27 14.76 -9.14
CA THR B 105 -33.44 13.72 -8.54
C THR B 105 -33.25 14.10 -7.08
N TYR B 106 -32.20 13.54 -6.50
CA TYR B 106 -31.90 13.80 -5.12
C TYR B 106 -31.62 15.29 -4.92
N SER B 107 -32.50 15.92 -4.15
CA SER B 107 -32.45 17.34 -3.83
C SER B 107 -31.07 17.88 -3.44
N CYS B 108 -30.19 17.01 -2.94
CA CYS B 108 -28.86 17.42 -2.49
C CYS B 108 -27.73 17.39 -3.52
N TYR B 109 -27.96 16.82 -4.69
CA TYR B 109 -26.92 16.80 -5.71
C TYR B 109 -26.64 18.24 -6.10
N ARG B 110 -27.70 19.02 -6.20
CA ARG B 110 -27.61 20.42 -6.57
C ARG B 110 -26.96 21.23 -5.45
N ILE B 111 -27.50 21.10 -4.25
CA ILE B 111 -26.98 21.85 -3.13
C ILE B 111 -25.53 21.57 -2.83
N PHE B 112 -25.17 20.29 -2.81
CA PHE B 112 -23.78 19.95 -2.53
C PHE B 112 -22.84 20.46 -3.63
N ALA B 113 -23.18 20.17 -4.89
CA ALA B 113 -22.35 20.64 -6.02
C ALA B 113 -22.05 22.13 -5.87
N LYS B 114 -23.08 22.90 -5.58
CA LYS B 114 -22.94 24.34 -5.40
C LYS B 114 -22.05 24.63 -4.20
N ALA B 115 -22.24 23.91 -3.11
CA ALA B 115 -21.43 24.14 -1.92
C ALA B 115 -19.98 23.80 -2.13
N VAL B 116 -19.73 22.63 -2.73
CA VAL B 116 -18.37 22.18 -2.98
C VAL B 116 -17.69 23.06 -4.03
N GLY B 117 -18.50 23.71 -4.86
CA GLY B 117 -17.96 24.57 -5.90
C GLY B 117 -17.62 23.76 -7.12
N ALA B 118 -18.47 22.81 -7.45
CA ALA B 118 -18.24 21.96 -8.61
C ALA B 118 -19.07 22.45 -9.78
N LYS B 119 -18.65 22.09 -10.99
CA LYS B 119 -19.40 22.47 -12.16
C LYS B 119 -20.44 21.41 -12.43
N PHE B 120 -21.72 21.81 -12.40
CA PHE B 120 -22.79 20.88 -12.67
C PHE B 120 -23.69 21.30 -13.81
N LEU B 121 -24.39 20.31 -14.36
CA LEU B 121 -25.29 20.52 -15.47
C LEU B 121 -26.54 19.72 -15.20
N GLU B 122 -27.68 20.41 -15.10
CA GLU B 122 -28.96 19.76 -14.85
C GLU B 122 -29.84 19.59 -16.07
N VAL B 123 -29.96 18.37 -16.56
CA VAL B 123 -30.80 18.09 -17.71
C VAL B 123 -32.07 17.38 -17.30
N PRO B 124 -33.21 18.10 -17.31
CA PRO B 124 -34.50 17.54 -16.94
C PRO B 124 -34.81 16.16 -17.50
N LEU B 125 -35.44 15.33 -16.67
CA LEU B 125 -35.84 14.01 -17.09
C LEU B 125 -36.90 14.22 -18.16
N THR B 126 -36.99 13.28 -19.09
CA THR B 126 -37.97 13.38 -20.16
C THR B 126 -39.38 13.51 -19.58
N LYS B 127 -40.37 13.53 -20.45
CA LYS B 127 -41.77 13.65 -19.99
C LYS B 127 -42.18 12.32 -19.37
N ASP B 128 -41.33 11.31 -19.56
CA ASP B 128 -41.62 9.97 -19.07
C ASP B 128 -40.56 9.45 -18.09
N LEU B 129 -39.88 10.37 -17.41
CA LEU B 129 -38.84 10.05 -16.42
C LEU B 129 -37.53 9.47 -16.96
N ARG B 130 -37.49 9.11 -18.24
CA ARG B 130 -36.29 8.54 -18.88
C ARG B 130 -35.08 9.47 -18.78
N ILE B 131 -33.87 8.90 -18.86
CA ILE B 131 -32.66 9.71 -18.79
C ILE B 131 -32.56 10.47 -20.11
N PRO B 132 -32.42 11.81 -20.05
CA PRO B 132 -32.32 12.66 -21.24
C PRO B 132 -31.13 12.32 -22.13
N GLU B 133 -30.75 13.27 -22.96
CA GLU B 133 -29.61 13.09 -23.83
C GLU B 133 -28.71 14.31 -23.76
N VAL B 134 -27.43 14.09 -23.53
CA VAL B 134 -26.47 15.19 -23.47
C VAL B 134 -25.01 14.73 -23.60
N ASN B 135 -24.13 15.69 -23.87
CA ASN B 135 -22.69 15.46 -24.04
C ASN B 135 -22.22 14.27 -23.24
N VAL B 136 -21.83 14.56 -22.00
CA VAL B 136 -21.35 13.56 -21.06
C VAL B 136 -20.31 12.60 -21.62
N GLY B 137 -19.17 12.54 -20.95
CA GLY B 137 -18.12 11.63 -21.36
C GLY B 137 -17.04 11.62 -20.29
N GLU B 138 -15.95 10.91 -20.53
CA GLU B 138 -14.89 10.91 -19.55
C GLU B 138 -14.73 12.33 -18.98
N GLY B 139 -14.20 12.41 -17.76
CA GLY B 139 -14.01 13.70 -17.13
C GLY B 139 -15.26 14.13 -16.39
N ASP B 140 -16.37 13.43 -16.63
CA ASP B 140 -17.65 13.73 -15.98
C ASP B 140 -18.10 12.66 -14.97
N VAL B 141 -18.97 13.08 -14.05
CA VAL B 141 -19.56 12.17 -13.06
C VAL B 141 -21.05 12.45 -13.18
N VAL B 142 -21.82 11.42 -13.48
CA VAL B 142 -23.25 11.61 -13.63
C VAL B 142 -24.03 10.81 -12.59
N PHE B 143 -24.64 11.53 -11.65
CA PHE B 143 -25.40 10.95 -10.55
C PHE B 143 -26.77 10.49 -10.94
N ILE B 144 -26.97 9.17 -10.87
CA ILE B 144 -28.23 8.54 -11.24
C ILE B 144 -28.81 7.71 -10.10
N PRO B 145 -29.59 8.33 -9.20
CA PRO B 145 -30.19 7.56 -8.09
C PRO B 145 -31.23 6.55 -8.57
N ASN B 146 -30.90 5.29 -8.59
CA ASN B 146 -31.86 4.29 -9.02
C ASN B 146 -32.13 3.27 -7.90
N PRO B 147 -33.36 3.22 -7.35
CA PRO B 147 -34.62 3.98 -7.55
C PRO B 147 -34.39 5.46 -7.38
N ASN B 148 -34.89 6.25 -8.30
CA ASN B 148 -34.73 7.67 -8.27
C ASN B 148 -35.44 8.29 -7.07
N ASN B 149 -34.95 9.45 -6.69
CA ASN B 149 -35.56 10.22 -5.63
C ASN B 149 -36.02 11.44 -6.45
N PRO B 150 -37.27 11.88 -6.31
CA PRO B 150 -38.31 11.36 -5.44
C PRO B 150 -39.43 10.62 -6.14
N THR B 151 -39.28 10.31 -7.42
CA THR B 151 -40.35 9.59 -8.09
C THR B 151 -40.36 8.14 -7.58
N GLY B 152 -39.17 7.64 -7.29
CA GLY B 152 -39.06 6.27 -6.80
C GLY B 152 -39.03 5.27 -7.95
N HIS B 153 -39.23 5.73 -9.18
CA HIS B 153 -39.21 4.84 -10.33
C HIS B 153 -37.82 4.26 -10.57
N VAL B 154 -37.72 3.22 -11.38
CA VAL B 154 -36.42 2.62 -11.61
C VAL B 154 -35.90 2.67 -13.04
N PHE B 155 -34.72 3.24 -13.18
CA PHE B 155 -34.09 3.33 -14.48
C PHE B 155 -33.75 1.93 -14.94
N GLU B 156 -34.04 1.64 -16.20
CA GLU B 156 -33.76 0.33 -16.79
C GLU B 156 -32.27 0.32 -17.09
N ARG B 157 -31.58 -0.74 -16.66
CA ARG B 157 -30.14 -0.86 -16.87
C ARG B 157 -29.65 -0.57 -18.28
N GLU B 158 -30.58 -0.64 -19.23
CA GLU B 158 -30.26 -0.37 -20.61
C GLU B 158 -29.81 1.09 -20.59
N GLU B 159 -30.52 1.90 -19.81
CA GLU B 159 -30.24 3.33 -19.65
C GLU B 159 -28.90 3.65 -19.01
N ILE B 160 -28.54 2.96 -17.93
CA ILE B 160 -27.28 3.23 -17.25
C ILE B 160 -26.11 2.89 -18.17
N GLU B 161 -26.30 1.90 -19.04
CA GLU B 161 -25.23 1.52 -19.96
C GLU B 161 -24.96 2.62 -20.96
N ARG B 162 -26.02 3.23 -21.46
CA ARG B 162 -25.90 4.32 -22.41
C ARG B 162 -24.85 5.30 -21.87
N ILE B 163 -25.05 5.74 -20.64
CA ILE B 163 -24.13 6.67 -20.02
C ILE B 163 -22.80 6.02 -19.68
N LEU B 164 -22.81 4.77 -19.24
CA LEU B 164 -21.54 4.13 -18.94
C LEU B 164 -20.72 4.11 -20.21
N LYS B 165 -21.37 3.74 -21.31
CA LYS B 165 -20.74 3.65 -22.62
C LYS B 165 -20.12 4.98 -23.06
N THR B 166 -20.64 6.10 -22.56
CA THR B 166 -20.08 7.38 -22.96
C THR B 166 -18.68 7.54 -22.35
N GLY B 167 -18.29 6.62 -21.49
CA GLY B 167 -16.98 6.72 -20.86
C GLY B 167 -17.00 7.64 -19.67
N ALA B 168 -18.09 8.37 -19.50
CA ALA B 168 -18.25 9.26 -18.36
C ALA B 168 -18.38 8.38 -17.12
N PHE B 169 -18.15 8.95 -15.94
CA PHE B 169 -18.27 8.18 -14.69
C PHE B 169 -19.68 8.19 -14.12
N VAL B 170 -20.23 6.99 -13.95
CA VAL B 170 -21.57 6.84 -13.44
C VAL B 170 -21.55 6.56 -11.95
N ALA B 171 -22.32 7.34 -11.20
CA ALA B 171 -22.38 7.15 -9.77
C ALA B 171 -23.79 6.67 -9.41
N LEU B 172 -24.00 5.35 -9.49
CA LEU B 172 -25.31 4.80 -9.13
C LEU B 172 -25.61 4.93 -7.63
N ASP B 173 -26.51 5.85 -7.27
CA ASP B 173 -26.88 6.07 -5.87
C ASP B 173 -27.98 5.08 -5.45
N GLU B 174 -27.64 3.80 -5.33
CA GLU B 174 -28.61 2.78 -4.93
C GLU B 174 -29.00 2.93 -3.46
N ALA B 175 -29.36 4.15 -3.10
CA ALA B 175 -29.75 4.43 -1.74
C ALA B 175 -31.03 3.70 -1.37
N TYR B 176 -31.82 3.30 -2.35
CA TYR B 176 -33.05 2.60 -2.04
C TYR B 176 -33.02 1.15 -2.46
N TYR B 177 -31.83 0.64 -2.70
CA TYR B 177 -31.69 -0.75 -3.11
C TYR B 177 -32.58 -1.73 -2.32
N GLU B 178 -32.38 -1.80 -1.01
CA GLU B 178 -33.13 -2.71 -0.16
C GLU B 178 -34.62 -2.81 -0.42
N PHE B 179 -35.24 -1.71 -0.85
CA PHE B 179 -36.68 -1.71 -1.11
C PHE B 179 -37.06 -2.23 -2.49
N HIS B 180 -36.08 -2.22 -3.39
CA HIS B 180 -36.25 -2.68 -4.75
C HIS B 180 -35.42 -3.92 -5.01
N GLY B 181 -35.97 -4.87 -5.74
CA GLY B 181 -35.24 -6.09 -6.03
C GLY B 181 -33.72 -5.99 -6.23
N GLU B 182 -33.31 -5.83 -7.48
CA GLU B 182 -31.89 -5.80 -7.83
C GLU B 182 -31.15 -4.50 -7.73
N SER B 183 -29.88 -4.57 -8.09
CA SER B 183 -28.96 -3.43 -8.09
C SER B 183 -27.92 -3.73 -9.16
N TYR B 184 -27.61 -2.74 -9.99
CA TYR B 184 -26.68 -2.93 -11.09
C TYR B 184 -25.21 -2.94 -10.71
N VAL B 185 -24.90 -3.47 -9.54
CA VAL B 185 -23.52 -3.52 -9.08
C VAL B 185 -22.66 -4.42 -9.98
N ASP B 186 -23.25 -5.51 -10.45
CA ASP B 186 -22.53 -6.46 -11.30
C ASP B 186 -21.92 -5.79 -12.51
N PHE B 187 -22.45 -4.63 -12.88
CA PHE B 187 -21.92 -3.88 -14.02
C PHE B 187 -20.43 -3.68 -13.81
N LEU B 188 -19.98 -3.85 -12.57
CA LEU B 188 -18.56 -3.68 -12.25
C LEU B 188 -17.65 -4.68 -12.96
N LYS B 189 -18.24 -5.76 -13.47
CA LYS B 189 -17.49 -6.80 -14.19
C LYS B 189 -16.99 -6.29 -15.54
N LYS B 190 -17.69 -5.32 -16.12
CA LYS B 190 -17.29 -4.81 -17.43
C LYS B 190 -17.32 -3.30 -17.65
N TYR B 191 -17.30 -2.56 -16.55
CA TYR B 191 -17.28 -1.09 -16.61
C TYR B 191 -16.53 -0.67 -15.35
N GLU B 192 -15.50 0.15 -15.50
CA GLU B 192 -14.73 0.62 -14.36
C GLU B 192 -15.08 2.05 -14.05
N ASN B 193 -15.92 2.63 -14.89
CA ASN B 193 -16.34 4.00 -14.72
C ASN B 193 -17.72 4.03 -14.06
N LEU B 194 -17.88 3.17 -13.06
CA LEU B 194 -19.11 3.07 -12.29
C LEU B 194 -18.74 2.85 -10.82
N ALA B 195 -19.59 3.33 -9.92
CA ALA B 195 -19.37 3.18 -8.47
C ALA B 195 -20.73 3.11 -7.83
N VAL B 196 -21.08 2.01 -7.18
CA VAL B 196 -22.39 1.95 -6.56
C VAL B 196 -22.37 2.56 -5.16
N ILE B 197 -23.37 3.40 -4.87
CA ILE B 197 -23.48 4.07 -3.57
C ILE B 197 -24.67 3.58 -2.77
N ARG B 198 -24.41 3.10 -1.55
CA ARG B 198 -25.48 2.62 -0.69
C ARG B 198 -25.45 3.26 0.68
N THR B 199 -26.43 2.94 1.52
CA THR B 199 -26.49 3.50 2.86
C THR B 199 -27.19 2.62 3.88
N PHE B 200 -27.01 2.97 5.15
CA PHE B 200 -27.67 2.27 6.24
C PHE B 200 -28.79 3.16 6.78
N SER B 201 -28.87 4.40 6.29
CA SER B 201 -29.89 5.37 6.72
C SER B 201 -31.29 4.87 6.41
N LYS B 202 -31.43 4.07 5.36
CA LYS B 202 -32.74 3.54 4.99
C LYS B 202 -33.45 2.35 5.58
N ALA B 203 -33.05 1.17 5.09
CA ALA B 203 -33.61 -0.10 5.51
C ALA B 203 -33.20 -0.52 6.94
N PHE B 204 -32.03 -0.05 7.38
CA PHE B 204 -31.45 -0.38 8.69
C PHE B 204 -31.68 0.55 9.89
N SER B 205 -32.46 1.60 9.71
CA SER B 205 -32.73 2.55 10.80
C SER B 205 -31.47 3.15 11.46
N LEU B 206 -30.51 3.53 10.63
CA LEU B 206 -29.26 4.14 11.13
C LEU B 206 -29.03 5.54 10.54
N ALA B 207 -30.11 6.20 10.14
CA ALA B 207 -30.01 7.53 9.54
C ALA B 207 -29.32 8.54 10.45
N ALA B 208 -29.36 8.31 11.75
CA ALA B 208 -28.72 9.23 12.69
C ALA B 208 -27.25 8.89 12.93
N GLN B 209 -26.84 7.71 12.47
CA GLN B 209 -25.46 7.26 12.68
C GLN B 209 -24.52 7.55 11.51
N ARG B 210 -25.12 7.98 10.41
CA ARG B 210 -24.40 8.37 9.22
C ARG B 210 -23.36 7.36 8.72
N VAL B 211 -23.84 6.26 8.16
CA VAL B 211 -22.95 5.26 7.62
C VAL B 211 -23.38 4.88 6.21
N GLY B 212 -22.49 5.10 5.25
CA GLY B 212 -22.78 4.76 3.87
C GLY B 212 -21.58 4.13 3.23
N TYR B 213 -21.78 3.32 2.19
CA TYR B 213 -20.62 2.70 1.56
C TYR B 213 -20.64 2.78 0.04
N VAL B 214 -19.45 2.67 -0.54
CA VAL B 214 -19.30 2.74 -1.98
C VAL B 214 -18.60 1.52 -2.57
N VAL B 215 -19.05 1.13 -3.76
CA VAL B 215 -18.50 -0.02 -4.47
C VAL B 215 -18.08 0.41 -5.89
N ALA B 216 -16.79 0.27 -6.17
CA ALA B 216 -16.25 0.66 -7.45
C ALA B 216 -14.92 -0.04 -7.70
N SER B 217 -14.34 0.22 -8.88
CA SER B 217 -13.07 -0.34 -9.30
C SER B 217 -12.00 0.00 -8.28
N GLU B 218 -10.99 -0.84 -8.19
CA GLU B 218 -9.91 -0.59 -7.25
C GLU B 218 -9.29 0.78 -7.46
N LYS B 219 -9.05 1.13 -8.72
CA LYS B 219 -8.47 2.42 -9.03
C LYS B 219 -9.32 3.52 -8.43
N PHE B 220 -10.62 3.32 -8.39
CA PHE B 220 -11.49 4.36 -7.84
C PHE B 220 -11.30 4.50 -6.33
N ILE B 221 -11.57 3.41 -5.62
CA ILE B 221 -11.46 3.41 -4.18
C ILE B 221 -10.12 3.94 -3.75
N ASP B 222 -9.08 3.65 -4.52
CA ASP B 222 -7.77 4.12 -4.10
C ASP B 222 -7.66 5.63 -4.17
N ALA B 223 -8.39 6.22 -5.12
CA ALA B 223 -8.41 7.65 -5.31
C ALA B 223 -9.33 8.25 -4.25
N TYR B 224 -10.59 7.79 -4.26
CA TYR B 224 -11.61 8.23 -3.30
C TYR B 224 -11.05 8.36 -1.87
N ASN B 225 -10.40 7.31 -1.39
CA ASN B 225 -9.82 7.30 -0.05
C ASN B 225 -8.82 8.45 0.14
N ARG B 226 -8.10 8.82 -0.90
CA ARG B 226 -7.11 9.89 -0.82
C ARG B 226 -7.70 11.28 -0.64
N VAL B 227 -8.93 11.48 -1.11
CA VAL B 227 -9.54 12.80 -1.01
C VAL B 227 -10.48 12.94 0.17
N ARG B 228 -10.93 11.81 0.71
CA ARG B 228 -11.85 11.86 1.83
C ARG B 228 -11.11 11.98 3.12
N LEU B 229 -11.77 12.53 4.14
CA LEU B 229 -11.16 12.62 5.45
C LEU B 229 -10.65 11.21 5.81
N PRO B 230 -9.54 11.11 6.56
CA PRO B 230 -8.97 9.83 6.95
C PRO B 230 -9.95 9.01 7.77
N PHE B 231 -10.44 9.64 8.84
CA PHE B 231 -11.36 9.01 9.78
C PHE B 231 -12.73 9.62 9.70
N ASN B 232 -13.48 9.24 8.68
CA ASN B 232 -14.80 9.81 8.49
C ASN B 232 -15.99 9.03 9.06
N VAL B 233 -15.74 7.93 9.75
CA VAL B 233 -16.84 7.13 10.29
C VAL B 233 -16.52 6.63 11.70
N SER B 234 -17.08 7.31 12.70
CA SER B 234 -16.87 6.99 14.10
C SER B 234 -16.79 5.49 14.42
N TYR B 235 -16.05 5.20 15.49
CA TYR B 235 -15.89 3.82 15.94
C TYR B 235 -17.29 3.30 16.13
N VAL B 236 -17.97 3.84 17.13
CA VAL B 236 -19.32 3.43 17.44
C VAL B 236 -20.25 3.28 16.23
N SER B 237 -20.06 4.10 15.20
CA SER B 237 -20.94 4.00 14.04
C SER B 237 -20.74 2.75 13.20
N GLN B 238 -19.50 2.34 12.98
CA GLN B 238 -19.26 1.13 12.20
C GLN B 238 -19.81 -0.08 12.98
N PHE B 240 -22.44 -0.28 14.77
CA PHE B 240 -23.87 -0.35 14.43
C PHE B 240 -23.99 -0.90 13.03
N ALA B 241 -23.15 -0.42 12.13
CA ALA B 241 -23.19 -0.92 10.77
C ALA B 241 -22.96 -2.42 10.82
N LYS B 242 -21.91 -2.80 11.53
CA LYS B 242 -21.54 -4.20 11.65
C LYS B 242 -22.55 -5.10 12.35
N VAL B 243 -23.06 -4.67 13.50
CA VAL B 243 -24.05 -5.45 14.22
C VAL B 243 -25.28 -5.52 13.32
N ALA B 244 -25.62 -4.39 12.71
CA ALA B 244 -26.77 -4.34 11.82
C ALA B 244 -26.64 -5.39 10.74
N LEU B 245 -25.46 -5.51 10.13
CA LEU B 245 -25.31 -6.50 9.10
C LEU B 245 -25.46 -7.94 9.63
N ASP B 246 -24.98 -8.20 10.84
CA ASP B 246 -25.08 -9.56 11.42
C ASP B 246 -26.50 -9.97 11.81
N HIS B 247 -27.49 -9.15 11.47
CA HIS B 247 -28.89 -9.44 11.77
C HIS B 247 -29.73 -8.92 10.62
N ARG B 248 -29.14 -8.96 9.43
CA ARG B 248 -29.84 -8.48 8.25
C ARG B 248 -31.27 -8.97 8.11
N GLU B 249 -31.54 -10.22 8.48
CA GLU B 249 -32.89 -10.79 8.34
C GLU B 249 -33.95 -10.02 9.14
N ILE B 250 -33.54 -9.48 10.28
CA ILE B 250 -34.44 -8.69 11.12
C ILE B 250 -34.89 -7.48 10.33
N PHE B 251 -33.97 -6.93 9.53
CA PHE B 251 -34.27 -5.75 8.73
C PHE B 251 -34.97 -6.08 7.43
N GLU B 252 -34.60 -7.20 6.85
CA GLU B 252 -35.22 -7.61 5.61
C GLU B 252 -36.69 -7.93 5.84
N GLU B 253 -37.10 -8.07 7.08
CA GLU B 253 -38.51 -8.36 7.35
C GLU B 253 -39.29 -7.09 7.59
N ARG B 254 -38.59 -6.02 7.95
CA ARG B 254 -39.22 -4.70 8.16
C ARG B 254 -39.44 -4.19 6.74
N THR B 255 -38.39 -4.36 5.94
CA THR B 255 -38.40 -3.96 4.55
C THR B 255 -39.56 -4.67 3.83
N LYS B 256 -39.65 -5.97 4.03
CA LYS B 256 -40.70 -6.77 3.42
C LYS B 256 -42.06 -6.13 3.69
N PHE B 257 -42.22 -5.59 4.89
CA PHE B 257 -43.45 -4.92 5.29
C PHE B 257 -43.51 -3.53 4.61
N ILE B 258 -42.40 -2.78 4.67
CA ILE B 258 -42.33 -1.47 4.06
C ILE B 258 -42.86 -1.55 2.64
N VAL B 259 -42.29 -2.46 1.85
CA VAL B 259 -42.71 -2.60 0.46
C VAL B 259 -44.15 -3.09 0.29
N GLU B 260 -44.51 -4.14 1.05
CA GLU B 260 -45.85 -4.72 1.00
C GLU B 260 -46.90 -3.66 1.39
N GLU B 261 -46.50 -2.69 2.20
CA GLU B 261 -47.39 -1.63 2.64
C GLU B 261 -47.41 -0.53 1.59
N ARG B 262 -46.29 -0.44 0.87
CA ARG B 262 -46.13 0.56 -0.16
C ARG B 262 -46.92 0.19 -1.39
N GLU B 263 -46.78 -1.06 -1.82
CA GLU B 263 -47.51 -1.50 -3.00
C GLU B 263 -48.86 -1.94 -2.57
N ARG B 264 -49.49 -1.08 -1.78
CA ARG B 264 -50.82 -1.32 -1.28
C ARG B 264 -51.44 0.04 -1.46
N LYS B 266 -50.52 2.32 -2.94
CA LYS B 266 -50.36 2.85 -4.28
C LYS B 266 -51.66 2.46 -4.98
N SER B 267 -52.05 1.20 -4.81
CA SER B 267 -53.28 0.67 -5.38
C SER B 267 -54.44 1.43 -4.76
N ALA B 268 -54.24 1.83 -3.51
CA ALA B 268 -55.24 2.57 -2.76
C ALA B 268 -55.39 3.99 -3.26
N LEU B 269 -54.30 4.55 -3.78
CA LEU B 269 -54.28 5.90 -4.31
C LEU B 269 -54.86 5.97 -5.71
N ARG B 270 -54.39 5.07 -6.59
CA ARG B 270 -54.90 5.04 -7.96
C ARG B 270 -56.42 4.96 -7.98
N GLU B 271 -57.00 4.22 -7.03
CA GLU B 271 -58.45 4.12 -6.94
C GLU B 271 -59.06 5.50 -6.71
N GLY B 273 -58.22 8.08 -7.73
CA GLY B 273 -58.05 8.92 -8.89
C GLY B 273 -56.81 9.78 -8.88
N TYR B 274 -55.73 9.27 -8.28
CA TYR B 274 -54.49 10.00 -8.24
C TYR B 274 -53.55 9.38 -9.25
N ARG B 275 -52.64 10.21 -9.76
CA ARG B 275 -51.64 9.76 -10.73
C ARG B 275 -50.29 9.66 -10.02
N ILE B 276 -49.84 8.43 -9.78
CA ILE B 276 -48.57 8.19 -9.10
C ILE B 276 -47.50 7.51 -9.95
N THR B 277 -46.28 7.53 -9.42
CA THR B 277 -45.14 6.92 -10.06
C THR B 277 -45.04 5.47 -9.61
N ASP B 278 -44.44 4.64 -10.44
CA ASP B 278 -44.26 3.23 -10.13
C ASP B 278 -43.01 3.13 -9.25
N SER B 279 -43.02 3.84 -8.12
CA SER B 279 -41.87 3.85 -7.23
C SER B 279 -41.58 2.47 -6.62
N ARG B 280 -40.30 2.21 -6.37
CA ARG B 280 -39.87 0.97 -5.78
C ARG B 280 -39.01 1.32 -4.55
N GLY B 281 -39.40 2.39 -3.87
CA GLY B 281 -38.69 2.82 -2.69
C GLY B 281 -39.55 2.70 -1.45
N ASN B 282 -39.07 3.28 -0.35
CA ASN B 282 -39.80 3.23 0.88
C ASN B 282 -40.72 4.46 0.92
N PHE B 283 -41.28 4.77 -0.23
CA PHE B 283 -42.17 5.90 -0.34
C PHE B 283 -42.95 5.81 -1.65
N VAL B 284 -43.88 6.76 -1.82
CA VAL B 284 -44.73 6.84 -3.01
C VAL B 284 -44.78 8.29 -3.44
N PHE B 285 -44.78 8.55 -4.74
CA PHE B 285 -44.85 9.93 -5.20
C PHE B 285 -46.23 10.19 -5.82
N VAL B 286 -46.92 11.20 -5.30
CA VAL B 286 -48.25 11.53 -5.79
C VAL B 286 -48.23 12.81 -6.63
N PHE B 287 -48.37 12.63 -7.95
CA PHE B 287 -48.38 13.73 -8.92
C PHE B 287 -49.56 14.66 -8.66
N GLU B 289 -50.83 19.22 -9.35
CA GLU B 289 -50.61 20.66 -9.55
C GLU B 289 -50.29 21.48 -8.30
N LYS B 290 -49.52 22.53 -8.50
CA LYS B 290 -49.08 23.42 -7.43
C LYS B 290 -50.21 24.00 -6.56
N GLU B 291 -51.28 24.43 -7.21
CA GLU B 291 -52.43 25.01 -6.52
C GLU B 291 -53.03 24.08 -5.47
N GLU B 292 -53.69 23.03 -5.95
CA GLU B 292 -54.32 22.05 -5.07
C GLU B 292 -53.32 21.41 -4.11
N LYS B 293 -52.06 21.36 -4.53
CA LYS B 293 -51.00 20.77 -3.72
C LYS B 293 -50.80 21.56 -2.45
N GLU B 294 -50.58 22.86 -2.62
CA GLU B 294 -50.37 23.73 -1.49
C GLU B 294 -51.59 23.66 -0.58
N ARG B 295 -52.70 23.22 -1.15
CA ARG B 295 -53.96 23.11 -0.41
C ARG B 295 -53.94 21.96 0.59
N LEU B 296 -53.68 20.74 0.12
CA LEU B 296 -53.67 19.60 1.01
C LEU B 296 -52.48 19.64 1.95
N LEU B 297 -51.53 20.54 1.70
CA LEU B 297 -50.39 20.65 2.60
C LEU B 297 -50.86 21.42 3.84
N GLU B 298 -51.68 22.45 3.60
CA GLU B 298 -52.25 23.29 4.66
C GLU B 298 -53.29 22.46 5.43
N HIS B 299 -53.85 21.45 4.75
CA HIS B 299 -54.83 20.54 5.34
C HIS B 299 -54.12 19.46 6.16
N LEU B 300 -53.03 18.94 5.62
CA LEU B 300 -52.28 17.92 6.31
C LEU B 300 -51.71 18.54 7.58
N ARG B 301 -51.24 19.78 7.47
CA ARG B 301 -50.65 20.45 8.62
C ARG B 301 -51.63 20.64 9.78
N THR B 302 -52.92 20.78 9.49
CA THR B 302 -53.91 20.94 10.54
C THR B 302 -54.21 19.56 11.09
N LYS B 303 -53.55 18.57 10.51
CA LYS B 303 -53.68 17.18 10.90
C LYS B 303 -52.33 16.65 11.34
N ASN B 304 -51.43 17.58 11.67
CA ASN B 304 -50.07 17.25 12.11
C ASN B 304 -49.34 16.29 11.21
N VAL B 305 -49.81 16.17 9.97
CA VAL B 305 -49.23 15.29 8.97
C VAL B 305 -48.24 16.09 8.10
N ALA B 306 -47.10 15.47 7.78
CA ALA B 306 -46.09 16.13 6.95
C ALA B 306 -45.62 15.19 5.86
N VAL B 307 -45.35 15.72 4.69
CA VAL B 307 -44.86 14.89 3.61
C VAL B 307 -43.80 15.68 2.88
N ARG B 308 -43.12 15.06 1.94
CA ARG B 308 -42.10 15.77 1.22
C ARG B 308 -42.73 16.47 0.02
N SER B 309 -42.50 17.78 -0.08
CA SER B 309 -43.03 18.56 -1.18
C SER B 309 -41.98 18.67 -2.27
N PHE B 310 -42.44 18.78 -3.51
CA PHE B 310 -41.55 18.91 -4.66
C PHE B 310 -42.28 19.63 -5.78
N ARG B 311 -41.71 19.57 -6.98
CA ARG B 311 -42.35 20.13 -8.15
C ARG B 311 -42.97 18.91 -8.78
N GLU B 312 -44.15 19.06 -9.37
CA GLU B 312 -44.80 17.94 -10.02
C GLU B 312 -45.36 16.93 -9.02
N GLY B 313 -45.57 17.34 -7.78
CA GLY B 313 -46.16 16.44 -6.80
C GLY B 313 -45.69 16.48 -5.36
N VAL B 314 -45.96 15.38 -4.67
CA VAL B 314 -45.55 15.22 -3.28
C VAL B 314 -45.05 13.80 -3.12
N ARG B 315 -44.03 13.64 -2.28
CA ARG B 315 -43.44 12.35 -2.00
C ARG B 315 -43.79 12.06 -0.55
N ILE B 316 -44.54 11.00 -0.35
CA ILE B 316 -44.97 10.59 0.99
C ILE B 316 -44.19 9.32 1.36
N THR B 317 -43.61 9.32 2.54
CA THR B 317 -42.85 8.17 2.97
C THR B 317 -43.77 7.14 3.60
N ILE B 318 -43.34 5.88 3.60
CA ILE B 318 -44.10 4.78 4.19
C ILE B 318 -43.86 4.71 5.70
N GLY B 319 -44.93 4.78 6.48
CA GLY B 319 -44.81 4.74 7.93
C GLY B 319 -45.50 3.52 8.55
N LYS B 320 -45.95 3.64 9.79
CA LYS B 320 -46.61 2.52 10.45
C LYS B 320 -48.03 2.36 9.92
N ARG B 321 -48.51 1.12 9.81
CA ARG B 321 -49.84 0.82 9.28
C ARG B 321 -50.87 1.90 9.54
N GLU B 322 -50.96 2.34 10.80
CA GLU B 322 -51.91 3.37 11.20
C GLU B 322 -51.63 4.71 10.52
N GLU B 323 -50.35 5.04 10.36
CA GLU B 323 -49.95 6.26 9.69
C GLU B 323 -50.32 6.08 8.23
N ASN B 324 -49.88 4.98 7.65
CA ASN B 324 -50.19 4.70 6.27
C ASN B 324 -51.67 4.88 5.93
N ASP B 325 -52.55 4.28 6.73
CA ASP B 325 -53.99 4.41 6.49
C ASP B 325 -54.44 5.84 6.73
N ILE B 327 -52.95 8.66 5.70
CA ILE B 327 -52.86 9.29 4.39
C ILE B 327 -54.07 8.98 3.53
N LEU B 328 -54.29 7.71 3.27
CA LEU B 328 -55.43 7.27 2.46
C LEU B 328 -56.76 7.87 2.93
N ARG B 329 -56.90 8.14 4.22
CA ARG B 329 -58.14 8.72 4.72
C ARG B 329 -58.19 10.21 4.43
N GLU B 330 -57.17 10.95 4.86
CA GLU B 330 -57.12 12.41 4.67
C GLU B 330 -56.87 12.82 3.23
N LEU B 331 -56.54 11.87 2.35
CA LEU B 331 -56.27 12.18 0.96
C LEU B 331 -57.48 11.90 0.09
N GLU B 332 -58.56 11.43 0.72
CA GLU B 332 -59.80 11.14 0.01
C GLU B 332 -60.84 12.20 0.35
N VAL B 333 -60.74 12.77 1.54
CA VAL B 333 -61.66 13.83 1.95
C VAL B 333 -61.19 15.08 1.22
N PHE B 334 -60.30 14.87 0.25
CA PHE B 334 -59.73 15.95 -0.55
C PHE B 334 -60.19 15.73 -1.98
N LYS B 335 -59.70 14.66 -2.58
CA LYS B 335 -60.04 14.32 -3.95
C LYS B 335 -60.83 13.03 -3.96
N TYR C 23 37.01 -0.18 7.37
CA TYR C 23 36.69 -1.03 6.18
C TYR C 23 36.29 -0.18 4.98
N LEU C 24 37.21 -0.02 4.03
CA LEU C 24 36.92 0.77 2.83
C LEU C 24 37.21 -0.03 1.56
N ALA C 25 37.16 -1.35 1.69
CA ALA C 25 37.39 -2.25 0.58
C ALA C 25 36.29 -2.08 -0.49
N LEU C 26 35.12 -2.67 -0.24
CA LEU C 26 34.00 -2.56 -1.17
C LEU C 26 33.45 -1.16 -1.10
N ASN C 27 32.95 -0.68 -2.23
CA ASN C 27 32.39 0.66 -2.31
C ASN C 27 31.14 0.82 -1.45
N GLU C 28 31.11 0.10 -0.34
CA GLU C 28 29.99 0.14 0.58
C GLU C 28 29.79 1.56 1.08
N ASN C 29 28.69 2.19 0.65
CA ASN C 29 28.36 3.57 1.05
C ASN C 29 28.53 3.68 2.57
N PRO C 30 29.08 4.80 3.05
CA PRO C 30 29.28 5.01 4.49
C PRO C 30 28.06 5.15 5.40
N PHE C 31 26.98 5.72 4.87
CA PHE C 31 25.78 5.95 5.68
C PHE C 31 24.69 4.87 5.63
N PRO C 32 24.18 4.48 6.81
CA PRO C 32 23.12 3.45 6.86
C PRO C 32 21.90 3.96 6.12
N PHE C 33 20.98 3.06 5.84
CA PHE C 33 19.79 3.45 5.11
C PHE C 33 18.94 4.34 6.03
N PRO C 34 18.51 5.50 5.53
CA PRO C 34 17.71 6.40 6.34
C PRO C 34 16.47 5.76 6.98
N GLU C 35 16.50 5.72 8.31
CA GLU C 35 15.44 5.15 9.12
C GLU C 35 14.02 5.55 8.77
N ASP C 36 13.79 6.84 8.56
CA ASP C 36 12.45 7.27 8.20
C ASP C 36 12.03 6.49 6.97
N LEU C 37 12.96 6.37 6.03
CA LEU C 37 12.72 5.65 4.79
C LEU C 37 12.52 4.16 5.03
N VAL C 38 13.25 3.60 5.99
CA VAL C 38 13.07 2.19 6.36
C VAL C 38 11.59 2.09 6.68
N ASP C 39 11.17 2.94 7.62
CA ASP C 39 9.81 3.02 8.13
C ASP C 39 8.74 3.17 7.03
N GLU C 40 9.03 3.97 6.02
CA GLU C 40 8.07 4.16 4.95
C GLU C 40 7.98 2.88 4.13
N VAL C 41 9.08 2.13 4.11
CA VAL C 41 9.10 0.88 3.37
C VAL C 41 8.08 -0.06 3.95
N PHE C 42 8.10 -0.28 5.26
CA PHE C 42 7.16 -1.21 5.87
C PHE C 42 5.71 -0.73 5.93
N ARG C 43 5.50 0.57 5.92
CA ARG C 43 4.15 1.12 5.93
C ARG C 43 3.51 0.85 4.57
N ARG C 44 4.33 0.99 3.53
CA ARG C 44 3.93 0.81 2.14
C ARG C 44 3.97 -0.66 1.72
N LEU C 45 4.40 -1.51 2.64
CA LEU C 45 4.52 -2.94 2.39
C LEU C 45 3.22 -3.69 2.59
N ASN C 46 2.75 -4.32 1.53
CA ASN C 46 1.52 -5.08 1.57
C ASN C 46 1.76 -6.54 1.96
N SER C 47 1.25 -6.92 3.12
CA SER C 47 1.41 -8.26 3.64
C SER C 47 0.91 -9.35 2.68
N ASP C 48 -0.23 -9.08 2.05
CA ASP C 48 -0.84 -10.04 1.12
C ASP C 48 -0.06 -10.16 -0.19
N ALA C 49 0.96 -9.32 -0.36
CA ALA C 49 1.76 -9.36 -1.58
C ALA C 49 2.91 -10.35 -1.44
N LEU C 50 3.31 -10.59 -0.20
CA LEU C 50 4.40 -11.51 0.08
C LEU C 50 4.17 -12.95 -0.41
N ARG C 51 2.92 -13.35 -0.53
CA ARG C 51 2.60 -14.71 -0.98
C ARG C 51 2.48 -14.81 -2.49
N ILE C 52 2.52 -13.66 -3.14
CA ILE C 52 2.38 -13.55 -4.59
C ILE C 52 3.67 -13.41 -5.39
N TYR C 53 3.69 -14.05 -6.56
CA TYR C 53 4.84 -13.94 -7.46
C TYR C 53 4.76 -12.54 -8.08
N TYR C 54 5.42 -11.60 -7.42
CA TYR C 54 5.47 -10.20 -7.83
C TYR C 54 6.45 -10.04 -8.99
N ASP C 55 5.94 -9.79 -10.20
CA ASP C 55 6.82 -9.62 -11.36
C ASP C 55 7.90 -8.59 -11.05
N SER C 56 9.13 -8.88 -11.43
CA SER C 56 10.25 -7.99 -11.12
C SER C 56 10.19 -6.61 -11.73
N PRO C 57 10.25 -6.50 -13.06
CA PRO C 57 10.17 -5.14 -13.56
C PRO C 57 8.77 -4.61 -13.25
N ASP C 58 8.53 -4.28 -12.00
CA ASP C 58 7.23 -3.75 -11.55
C ASP C 58 6.97 -2.34 -12.10
N GLU C 59 5.95 -2.24 -12.97
CA GLU C 59 5.54 -0.99 -13.60
C GLU C 59 6.04 0.25 -12.88
N GLU C 60 5.68 0.36 -11.60
CA GLU C 60 6.10 1.45 -10.75
C GLU C 60 7.62 1.56 -10.81
N LEU C 61 8.30 0.62 -10.15
CA LEU C 61 9.76 0.59 -10.08
C LEU C 61 10.41 1.10 -11.37
N ILE C 62 9.80 0.81 -12.51
CA ILE C 62 10.35 1.28 -13.78
C ILE C 62 10.17 2.79 -13.84
N GLU C 63 8.92 3.23 -13.82
CA GLU C 63 8.56 4.66 -13.90
C GLU C 63 9.49 5.54 -13.08
N LYS C 64 9.69 5.17 -11.82
CA LYS C 64 10.57 5.93 -10.95
C LYS C 64 11.94 6.10 -11.60
N ILE C 65 12.61 4.99 -11.91
CA ILE C 65 13.92 5.08 -12.54
C ILE C 65 13.79 5.75 -13.90
N LEU C 66 12.69 5.47 -14.58
CA LEU C 66 12.43 6.03 -15.89
C LEU C 66 12.55 7.54 -15.85
N SER C 67 12.08 8.15 -14.76
CA SER C 67 12.17 9.60 -14.64
C SER C 67 13.46 10.05 -13.93
N TYR C 68 14.16 9.11 -13.28
CA TYR C 68 15.44 9.41 -12.60
C TYR C 68 16.51 9.69 -13.65
N LEU C 69 16.29 9.14 -14.84
CA LEU C 69 17.19 9.32 -15.95
C LEU C 69 16.90 10.70 -16.54
N ASP C 70 15.64 11.14 -16.38
CA ASP C 70 15.18 12.43 -16.87
C ASP C 70 15.53 12.66 -18.33
N THR C 71 15.01 11.81 -19.21
CA THR C 71 15.29 11.95 -20.63
C THR C 71 13.95 12.00 -21.34
N ASP C 72 13.93 11.76 -22.65
CA ASP C 72 12.66 11.77 -23.37
C ASP C 72 12.54 10.62 -24.36
N PHE C 73 13.66 10.24 -24.96
CA PHE C 73 13.65 9.17 -25.94
C PHE C 73 13.20 7.79 -25.44
N LEU C 74 13.81 7.31 -24.36
CA LEU C 74 13.48 5.99 -23.82
C LEU C 74 12.17 5.94 -23.01
N SER C 75 11.60 4.75 -22.87
CA SER C 75 10.35 4.57 -22.14
C SER C 75 10.28 3.24 -21.35
N LYS C 76 9.04 2.83 -21.05
CA LYS C 76 8.78 1.60 -20.30
C LYS C 76 9.64 0.47 -20.82
N ASN C 77 9.44 0.14 -22.08
CA ASN C 77 10.17 -0.94 -22.71
C ASN C 77 11.64 -0.67 -23.02
N ASN C 78 12.20 0.42 -22.50
CA ASN C 78 13.61 0.73 -22.73
C ASN C 78 14.47 0.33 -21.54
N VAL C 79 13.83 -0.04 -20.43
CA VAL C 79 14.55 -0.42 -19.22
C VAL C 79 14.10 -1.73 -18.61
N SER C 80 14.94 -2.26 -17.73
CA SER C 80 14.70 -3.52 -17.05
C SER C 80 15.63 -3.59 -15.84
N VAL C 81 15.30 -4.46 -14.90
CA VAL C 81 16.06 -4.60 -13.67
C VAL C 81 16.76 -5.98 -13.58
N GLY C 82 17.74 -6.07 -12.69
CA GLY C 82 18.44 -7.31 -12.49
C GLY C 82 18.69 -7.42 -11.01
N ASN C 83 18.85 -8.64 -10.49
CA ASN C 83 19.10 -8.89 -9.07
C ASN C 83 20.44 -8.27 -8.71
N GLY C 84 20.51 -6.95 -8.78
CA GLY C 84 21.76 -6.27 -8.52
C GLY C 84 22.48 -6.19 -9.84
N ALA C 85 23.37 -5.22 -10.00
CA ALA C 85 24.15 -5.01 -11.22
C ALA C 85 24.81 -6.31 -11.68
N ASP C 86 25.36 -7.07 -10.73
CA ASP C 86 26.01 -8.32 -11.07
C ASP C 86 25.14 -9.20 -11.93
N GLU C 87 23.92 -9.50 -11.47
CA GLU C 87 23.05 -10.37 -12.26
C GLU C 87 22.96 -9.88 -13.71
N ILE C 88 22.95 -8.57 -13.92
CA ILE C 88 22.85 -8.05 -15.30
C ILE C 88 24.06 -8.51 -16.08
N ILE C 89 25.25 -8.25 -15.54
CA ILE C 89 26.49 -8.67 -16.19
C ILE C 89 26.32 -10.15 -16.47
N TYR C 90 26.32 -10.92 -15.38
CA TYR C 90 26.19 -12.37 -15.36
C TYR C 90 25.30 -12.94 -16.45
N VAL C 91 24.20 -12.26 -16.73
CA VAL C 91 23.27 -12.75 -17.74
C VAL C 91 23.65 -12.30 -19.14
N LEU C 94 25.82 -14.54 -21.08
CA LEU C 94 25.23 -15.77 -21.59
C LEU C 94 24.57 -15.50 -22.94
N PHE C 96 25.79 -13.45 -25.44
CA PHE C 96 26.77 -12.97 -26.43
C PHE C 96 27.80 -14.06 -26.65
N ASP C 97 28.52 -14.01 -27.77
CA ASP C 97 29.52 -15.04 -28.04
C ASP C 97 30.66 -14.99 -27.03
N ARG C 98 31.36 -13.88 -26.99
CA ARG C 98 32.46 -13.72 -26.04
C ARG C 98 32.44 -12.33 -25.41
N SER C 99 32.95 -12.23 -24.20
CA SER C 99 32.99 -10.96 -23.53
C SER C 99 34.45 -10.55 -23.37
N VAL C 100 34.71 -9.26 -23.57
CA VAL C 100 36.04 -8.72 -23.44
C VAL C 100 36.01 -7.47 -22.60
N PHE C 101 36.97 -7.37 -21.70
CA PHE C 101 37.05 -6.20 -20.86
C PHE C 101 38.49 -5.72 -20.88
N PHE C 102 38.87 -4.85 -19.96
CA PHE C 102 40.22 -4.34 -19.96
C PHE C 102 40.89 -4.19 -18.63
N PRO C 103 41.58 -5.24 -18.20
CA PRO C 103 42.25 -5.14 -16.91
C PRO C 103 43.22 -3.94 -16.83
N PRO C 104 43.31 -3.29 -15.66
CA PRO C 104 42.60 -3.58 -14.41
C PRO C 104 41.18 -2.96 -14.45
N THR C 105 40.16 -3.80 -14.53
CA THR C 105 38.77 -3.33 -14.56
C THR C 105 38.08 -4.07 -13.42
N TYR C 106 36.74 -4.02 -13.38
CA TYR C 106 35.94 -4.68 -12.33
C TYR C 106 36.28 -6.17 -12.21
N SER C 107 36.71 -6.57 -11.01
CA SER C 107 37.12 -7.95 -10.75
C SER C 107 36.17 -9.05 -11.25
N CYS C 108 34.92 -8.96 -10.83
CA CYS C 108 33.92 -9.95 -11.18
C CYS C 108 33.73 -10.27 -12.65
N TYR C 109 34.20 -9.41 -13.54
CA TYR C 109 34.03 -9.68 -14.97
C TYR C 109 34.72 -10.99 -15.29
N ARG C 110 35.83 -11.24 -14.63
CA ARG C 110 36.57 -12.47 -14.84
C ARG C 110 35.84 -13.69 -14.27
N ILE C 111 35.54 -13.67 -12.97
CA ILE C 111 34.88 -14.79 -12.28
C ILE C 111 33.58 -15.25 -12.91
N PHE C 112 32.71 -14.28 -13.19
CA PHE C 112 31.42 -14.56 -13.78
C PHE C 112 31.66 -15.23 -15.11
N ALA C 113 32.44 -14.57 -15.95
CA ALA C 113 32.77 -15.09 -17.26
C ALA C 113 33.28 -16.52 -17.17
N LYS C 114 34.09 -16.81 -16.15
CA LYS C 114 34.63 -18.15 -16.01
C LYS C 114 33.53 -19.11 -15.59
N ALA C 115 32.86 -18.75 -14.49
CA ALA C 115 31.80 -19.55 -13.90
C ALA C 115 30.72 -20.03 -14.87
N VAL C 116 29.94 -19.12 -15.44
CA VAL C 116 28.88 -19.52 -16.36
C VAL C 116 29.42 -20.15 -17.62
N GLY C 117 30.74 -20.24 -17.70
CA GLY C 117 31.41 -20.86 -18.83
C GLY C 117 31.28 -20.11 -20.14
N ALA C 118 31.75 -18.86 -20.15
CA ALA C 118 31.68 -18.05 -21.36
C ALA C 118 33.07 -17.76 -21.91
N LYS C 119 33.15 -17.57 -23.23
CA LYS C 119 34.44 -17.26 -23.84
C LYS C 119 34.69 -15.81 -23.48
N PHE C 120 35.95 -15.46 -23.29
CA PHE C 120 36.31 -14.10 -22.92
C PHE C 120 37.81 -13.91 -23.05
N LEU C 121 38.20 -12.75 -23.58
CA LEU C 121 39.62 -12.42 -23.71
C LEU C 121 39.81 -11.00 -23.21
N GLU C 122 40.85 -10.79 -22.40
CA GLU C 122 41.13 -9.47 -21.84
C GLU C 122 42.46 -8.85 -22.29
N VAL C 123 42.36 -7.64 -22.82
CA VAL C 123 43.53 -6.89 -23.27
C VAL C 123 43.65 -5.67 -22.37
N PRO C 124 44.82 -5.49 -21.71
CA PRO C 124 45.06 -4.36 -20.82
C PRO C 124 44.92 -2.96 -21.42
N LEU C 125 44.61 -1.98 -20.56
CA LEU C 125 44.46 -0.58 -20.98
C LEU C 125 45.84 0.00 -21.20
N THR C 126 45.91 0.95 -22.13
CA THR C 126 47.16 1.62 -22.47
C THR C 126 47.74 2.33 -21.25
N LYS C 127 48.98 2.77 -21.39
CA LYS C 127 49.66 3.45 -20.31
C LYS C 127 48.77 4.58 -19.77
N ASP C 128 48.23 5.43 -20.66
CA ASP C 128 47.37 6.54 -20.24
C ASP C 128 45.93 6.04 -20.07
N LEU C 129 45.82 4.78 -19.64
CA LEU C 129 44.55 4.09 -19.38
C LEU C 129 43.44 4.48 -20.36
N ARG C 130 43.65 4.14 -21.62
CA ARG C 130 42.66 4.41 -22.66
C ARG C 130 42.26 3.07 -23.27
N ILE C 131 41.02 2.99 -23.76
CA ILE C 131 40.53 1.75 -24.38
C ILE C 131 41.51 1.31 -25.47
N PRO C 132 42.30 0.26 -25.21
CA PRO C 132 43.29 -0.27 -26.16
C PRO C 132 42.73 -0.76 -27.49
N GLU C 133 43.62 -1.21 -28.37
CA GLU C 133 43.22 -1.72 -29.68
C GLU C 133 42.93 -3.21 -29.59
N VAL C 134 41.68 -3.61 -29.84
CA VAL C 134 41.31 -5.02 -29.74
C VAL C 134 40.96 -5.60 -31.10
N ASN C 135 40.88 -6.93 -31.20
CA ASN C 135 40.51 -7.62 -32.45
C ASN C 135 39.12 -7.19 -32.91
N VAL C 136 38.69 -6.02 -32.40
CA VAL C 136 37.40 -5.37 -32.69
C VAL C 136 36.27 -6.32 -33.10
N GLY C 137 35.89 -7.19 -32.16
CA GLY C 137 34.87 -8.19 -32.43
C GLY C 137 33.43 -7.73 -32.46
N GLU C 138 32.65 -8.35 -33.34
CA GLU C 138 31.22 -8.07 -33.46
C GLU C 138 30.53 -9.39 -33.06
N GLY C 139 29.37 -9.31 -32.43
CA GLY C 139 28.69 -10.52 -32.01
C GLY C 139 29.21 -10.86 -30.63
N ASP C 140 29.76 -9.86 -29.96
CA ASP C 140 30.28 -9.99 -28.59
C ASP C 140 29.87 -8.78 -27.75
N VAL C 141 30.25 -8.79 -26.47
CA VAL C 141 29.89 -7.69 -25.59
C VAL C 141 31.11 -7.15 -24.85
N VAL C 142 31.37 -5.87 -25.00
CA VAL C 142 32.51 -5.31 -24.31
C VAL C 142 32.04 -4.58 -23.04
N PHE C 143 32.64 -4.99 -21.92
CA PHE C 143 32.33 -4.43 -20.62
C PHE C 143 33.31 -3.34 -20.20
N ILE C 144 32.80 -2.13 -20.08
CA ILE C 144 33.65 -1.02 -19.70
C ILE C 144 32.99 -0.14 -18.63
N PRO C 145 33.26 -0.45 -17.36
CA PRO C 145 32.70 0.31 -16.23
C PRO C 145 33.25 1.72 -16.24
N ASN C 146 32.51 2.66 -16.79
CA ASN C 146 32.98 4.03 -16.76
C ASN C 146 32.06 4.79 -15.82
N PRO C 147 32.60 5.35 -14.73
CA PRO C 147 33.97 5.42 -14.21
C PRO C 147 34.49 4.01 -14.00
N ASN C 148 35.70 3.73 -14.43
CA ASN C 148 36.27 2.41 -14.28
C ASN C 148 36.44 2.06 -12.81
N ASN C 149 36.74 0.79 -12.56
CA ASN C 149 37.02 0.27 -11.24
C ASN C 149 38.29 -0.54 -11.52
N PRO C 150 39.32 -0.45 -10.67
CA PRO C 150 39.52 0.29 -9.43
C PRO C 150 40.23 1.63 -9.62
N THR C 151 40.79 1.87 -10.80
CA THR C 151 41.48 3.13 -11.00
C THR C 151 40.45 4.26 -10.89
N GLY C 152 39.19 3.93 -11.12
CA GLY C 152 38.15 4.93 -11.01
C GLY C 152 38.21 6.10 -11.96
N HIS C 153 39.14 6.09 -12.92
CA HIS C 153 39.23 7.20 -13.87
C HIS C 153 37.97 7.31 -14.74
N VAL C 154 38.06 8.04 -15.84
CA VAL C 154 36.91 8.20 -16.71
C VAL C 154 37.33 7.91 -18.13
N PHE C 155 36.39 7.47 -18.95
CA PHE C 155 36.68 7.21 -20.36
C PHE C 155 35.93 8.29 -21.13
N GLU C 156 36.39 8.56 -22.35
CA GLU C 156 35.78 9.60 -23.18
C GLU C 156 34.86 9.05 -24.24
N ARG C 157 34.07 9.93 -24.84
CA ARG C 157 33.17 9.55 -25.92
C ARG C 157 33.93 8.65 -26.90
N GLU C 158 35.06 9.16 -27.36
CA GLU C 158 35.91 8.43 -28.30
C GLU C 158 36.06 6.96 -27.91
N GLU C 159 36.44 6.69 -26.66
CA GLU C 159 36.61 5.31 -26.21
C GLU C 159 35.40 4.44 -26.52
N ILE C 160 34.21 4.94 -26.19
CA ILE C 160 32.99 4.21 -26.45
C ILE C 160 32.80 4.06 -27.96
N GLU C 161 32.68 5.19 -28.65
CA GLU C 161 32.49 5.20 -30.10
C GLU C 161 33.41 4.25 -30.86
N ARG C 162 34.66 4.12 -30.40
CA ARG C 162 35.62 3.23 -31.05
C ARG C 162 35.09 1.81 -31.04
N ILE C 163 34.80 1.31 -29.84
CA ILE C 163 34.26 -0.04 -29.69
C ILE C 163 32.75 -0.03 -29.78
N LEU C 164 32.20 0.99 -30.45
CA LEU C 164 30.76 1.10 -30.61
C LEU C 164 30.33 0.84 -32.06
N LYS C 165 31.09 1.40 -33.01
CA LYS C 165 30.78 1.20 -34.43
C LYS C 165 31.27 -0.19 -34.83
N THR C 166 32.31 -0.65 -34.14
CA THR C 166 32.91 -1.96 -34.37
C THR C 166 31.86 -3.08 -34.39
N GLY C 167 30.64 -2.73 -34.03
CA GLY C 167 29.57 -3.71 -33.98
C GLY C 167 29.42 -4.25 -32.57
N ALA C 168 30.55 -4.54 -31.93
CA ALA C 168 30.56 -5.06 -30.56
C ALA C 168 29.51 -4.35 -29.72
N PHE C 169 28.81 -5.10 -28.90
CA PHE C 169 27.78 -4.51 -28.06
C PHE C 169 28.46 -3.89 -26.86
N VAL C 170 28.39 -2.57 -26.77
CA VAL C 170 29.03 -1.87 -25.67
C VAL C 170 28.16 -1.93 -24.43
N ALA C 171 28.72 -2.54 -23.38
CA ALA C 171 28.04 -2.68 -22.11
C ALA C 171 28.82 -1.88 -21.09
N LEU C 172 28.47 -0.60 -20.96
CA LEU C 172 29.16 0.26 -20.00
C LEU C 172 28.48 0.22 -18.65
N ASP C 173 29.23 -0.27 -17.69
CA ASP C 173 28.81 -0.43 -16.30
C ASP C 173 28.88 0.90 -15.51
N GLU C 174 27.86 1.74 -15.66
CA GLU C 174 27.80 3.02 -14.95
C GLU C 174 27.44 2.79 -13.49
N ALA C 175 28.20 1.96 -12.79
CA ALA C 175 27.93 1.68 -11.39
C ALA C 175 28.05 2.93 -10.50
N TYR C 176 28.91 3.86 -10.93
CA TYR C 176 29.17 5.07 -10.16
C TYR C 176 28.64 6.37 -10.74
N TYR C 177 27.54 6.29 -11.49
CA TYR C 177 26.96 7.49 -12.09
C TYR C 177 26.74 8.61 -11.09
N GLU C 178 26.15 8.28 -9.94
CA GLU C 178 25.88 9.29 -8.91
C GLU C 178 27.12 10.02 -8.42
N PHE C 179 28.26 9.34 -8.44
CA PHE C 179 29.53 9.90 -7.97
C PHE C 179 30.29 10.65 -9.04
N HIS C 180 29.82 10.55 -10.28
CA HIS C 180 30.45 11.22 -11.40
C HIS C 180 29.62 12.45 -11.74
N GLY C 181 28.74 12.33 -12.73
CA GLY C 181 27.91 13.45 -13.12
C GLY C 181 27.15 13.28 -14.43
N GLU C 182 27.79 12.67 -15.42
CA GLU C 182 27.14 12.48 -16.72
C GLU C 182 27.16 11.03 -17.19
N SER C 183 26.03 10.59 -17.74
CA SER C 183 25.89 9.24 -18.25
C SER C 183 25.94 9.30 -19.78
N TYR C 184 26.37 8.21 -20.38
CA TYR C 184 26.47 8.17 -21.83
C TYR C 184 25.18 7.59 -22.40
N VAL C 185 24.13 7.64 -21.60
CA VAL C 185 22.83 7.15 -22.02
C VAL C 185 22.34 7.94 -23.20
N ASP C 186 23.12 8.94 -23.60
CA ASP C 186 22.78 9.76 -24.75
C ASP C 186 22.92 8.88 -25.99
N PHE C 187 24.09 8.25 -26.11
CA PHE C 187 24.43 7.38 -27.23
C PHE C 187 23.32 6.40 -27.60
N LEU C 188 22.53 6.02 -26.60
CA LEU C 188 21.45 5.10 -26.81
C LEU C 188 20.44 5.68 -27.81
N LYS C 189 20.79 6.78 -28.46
CA LYS C 189 19.91 7.43 -29.43
C LYS C 189 20.21 7.02 -30.89
N LYS C 190 21.49 7.08 -31.29
CA LYS C 190 21.86 6.71 -32.67
C LYS C 190 22.41 5.28 -32.71
N TYR C 191 22.54 4.66 -31.54
CA TYR C 191 23.07 3.30 -31.46
C TYR C 191 22.08 2.41 -30.73
N GLU C 192 22.13 1.11 -31.00
CA GLU C 192 21.24 0.16 -30.36
C GLU C 192 22.01 -0.97 -29.70
N ASN C 193 23.31 -1.05 -30.00
CA ASN C 193 24.17 -2.08 -29.43
C ASN C 193 24.79 -1.60 -28.12
N LEU C 194 24.07 -0.71 -27.44
CA LEU C 194 24.54 -0.15 -26.19
C LEU C 194 23.59 -0.51 -25.04
N ALA C 195 24.15 -0.62 -23.84
CA ALA C 195 23.38 -0.91 -22.63
C ALA C 195 24.09 -0.34 -21.42
N VAL C 196 23.35 0.43 -20.62
CA VAL C 196 23.85 1.08 -19.42
C VAL C 196 23.53 0.24 -18.17
N ILE C 197 24.50 0.07 -17.28
CA ILE C 197 24.32 -0.73 -16.06
C ILE C 197 24.45 0.06 -14.75
N ARG C 198 23.34 0.52 -14.21
CA ARG C 198 23.35 1.26 -12.95
C ARG C 198 23.20 0.30 -11.79
N THR C 199 23.02 0.84 -10.58
CA THR C 199 22.81 0.01 -9.40
C THR C 199 22.36 0.89 -8.23
N PHE C 200 21.71 0.28 -7.26
CA PHE C 200 21.26 1.02 -6.08
C PHE C 200 22.21 0.78 -4.90
N SER C 201 23.11 -0.21 -5.03
CA SER C 201 24.04 -0.54 -3.95
C SER C 201 24.93 0.65 -3.61
N LYS C 202 25.46 1.33 -4.64
CA LYS C 202 26.30 2.49 -4.38
C LYS C 202 25.93 3.73 -3.60
N ALA C 203 25.21 4.63 -4.25
CA ALA C 203 24.80 5.89 -3.64
C ALA C 203 23.63 5.76 -2.68
N PHE C 204 22.71 4.83 -2.96
CA PHE C 204 21.51 4.69 -2.13
C PHE C 204 21.58 3.84 -0.86
N SER C 205 22.71 3.16 -0.66
CA SER C 205 22.92 2.31 0.52
C SER C 205 21.97 1.11 0.50
N LEU C 206 21.89 0.46 -0.67
CA LEU C 206 21.03 -0.71 -0.90
C LEU C 206 21.83 -1.86 -1.49
N ALA C 207 23.06 -2.00 -1.04
CA ALA C 207 23.91 -3.07 -1.54
C ALA C 207 23.50 -4.41 -0.96
N ALA C 208 22.72 -4.38 0.11
CA ALA C 208 22.30 -5.63 0.71
C ALA C 208 20.96 -6.05 0.19
N GLN C 209 20.35 -5.22 -0.64
CA GLN C 209 19.04 -5.57 -1.17
C GLN C 209 19.07 -5.96 -2.63
N ARG C 210 20.27 -5.89 -3.21
CA ARG C 210 20.52 -6.29 -4.60
C ARG C 210 19.53 -5.78 -5.66
N VAL C 211 19.48 -4.47 -5.84
CA VAL C 211 18.57 -3.91 -6.80
C VAL C 211 19.25 -3.06 -7.86
N GLY C 212 19.41 -3.62 -9.06
CA GLY C 212 20.04 -2.88 -10.16
C GLY C 212 19.21 -2.84 -11.44
N TYR C 213 19.42 -1.82 -12.28
CA TYR C 213 18.68 -1.68 -13.53
C TYR C 213 19.59 -1.46 -14.74
N VAL C 214 19.09 -1.80 -15.93
CA VAL C 214 19.85 -1.65 -17.17
C VAL C 214 19.05 -0.93 -18.25
N VAL C 215 19.55 0.22 -18.67
CA VAL C 215 18.92 1.00 -19.72
C VAL C 215 19.62 0.59 -21.00
N ALA C 216 18.85 0.15 -21.97
CA ALA C 216 19.41 -0.30 -23.24
C ALA C 216 18.37 -0.16 -24.34
N SER C 217 18.65 -0.75 -25.50
CA SER C 217 17.70 -0.66 -26.60
C SER C 217 16.38 -1.38 -26.34
N GLU C 218 15.34 -0.90 -27.00
CA GLU C 218 14.03 -1.50 -26.87
C GLU C 218 14.12 -2.96 -27.29
N LYS C 219 14.90 -3.21 -28.33
CA LYS C 219 15.09 -4.54 -28.88
C LYS C 219 15.95 -5.42 -27.98
N PHE C 220 16.93 -4.82 -27.31
CA PHE C 220 17.78 -5.59 -26.41
C PHE C 220 17.03 -5.98 -25.15
N ILE C 221 16.26 -5.04 -24.62
CA ILE C 221 15.49 -5.29 -23.42
C ILE C 221 14.67 -6.57 -23.63
N ASP C 222 13.80 -6.55 -24.62
CA ASP C 222 12.96 -7.71 -24.90
C ASP C 222 13.76 -9.02 -24.83
N ALA C 223 15.06 -8.94 -25.12
CA ALA C 223 15.94 -10.12 -25.11
C ALA C 223 16.42 -10.50 -23.71
N TYR C 224 16.87 -9.51 -22.97
CA TYR C 224 17.36 -9.71 -21.61
C TYR C 224 16.27 -10.20 -20.68
N ASN C 225 15.03 -9.79 -20.95
CA ASN C 225 13.89 -10.19 -20.15
C ASN C 225 13.51 -11.64 -20.44
N ARG C 226 13.99 -12.15 -21.57
CA ARG C 226 13.71 -13.52 -21.95
C ARG C 226 14.73 -14.46 -21.35
N VAL C 227 15.95 -13.98 -21.22
CA VAL C 227 17.03 -14.81 -20.67
C VAL C 227 17.13 -14.88 -19.16
N ARG C 228 16.99 -13.74 -18.50
CA ARG C 228 17.09 -13.66 -17.03
C ARG C 228 15.98 -14.43 -16.29
N LEU C 229 16.08 -14.47 -14.97
CA LEU C 229 15.06 -15.14 -14.16
C LEU C 229 13.85 -14.20 -14.23
N PRO C 230 12.63 -14.77 -14.31
CA PRO C 230 11.39 -13.97 -14.38
C PRO C 230 11.23 -13.03 -13.20
N PHE C 231 11.36 -13.62 -12.01
CA PHE C 231 11.23 -12.90 -10.75
C PHE C 231 12.57 -12.83 -10.08
N ASN C 232 13.43 -11.98 -10.60
CA ASN C 232 14.77 -11.85 -10.05
C ASN C 232 14.80 -10.99 -8.80
N VAL C 233 14.19 -9.81 -8.84
CA VAL C 233 14.20 -8.91 -7.70
C VAL C 233 12.92 -8.97 -6.87
N SER C 234 13.08 -9.37 -5.62
CA SER C 234 11.98 -9.51 -4.68
C SER C 234 11.05 -8.31 -4.61
N TYR C 235 9.91 -8.51 -3.98
CA TYR C 235 8.93 -7.46 -3.81
C TYR C 235 9.51 -6.39 -2.91
N VAL C 236 10.01 -6.79 -1.74
CA VAL C 236 10.58 -5.83 -0.78
C VAL C 236 11.78 -5.06 -1.30
N SER C 237 12.64 -5.68 -2.10
CA SER C 237 13.78 -4.96 -2.62
C SER C 237 13.30 -3.86 -3.55
N GLN C 238 12.33 -4.16 -4.40
CA GLN C 238 11.86 -3.13 -5.32
C GLN C 238 11.41 -1.89 -4.62
N PHE C 240 12.37 -0.65 -1.47
CA PHE C 240 13.48 0.14 -0.93
C PHE C 240 13.94 0.95 -2.13
N ALA C 241 14.03 0.29 -3.28
CA ALA C 241 14.43 0.95 -4.52
C ALA C 241 13.48 2.09 -4.80
N LYS C 242 12.20 1.75 -4.86
CA LYS C 242 11.15 2.72 -5.12
C LYS C 242 11.18 3.93 -4.21
N VAL C 243 11.17 3.71 -2.90
CA VAL C 243 11.19 4.83 -1.96
C VAL C 243 12.50 5.57 -1.97
N ALA C 244 13.59 4.88 -2.28
CA ALA C 244 14.90 5.53 -2.31
C ALA C 244 14.92 6.60 -3.41
N LEU C 245 14.17 6.38 -4.48
CA LEU C 245 14.12 7.33 -5.59
C LEU C 245 13.07 8.40 -5.34
N ASP C 246 12.15 8.12 -4.41
CA ASP C 246 11.11 9.06 -4.06
C ASP C 246 11.66 10.04 -3.04
N HIS C 247 12.93 9.83 -2.69
CA HIS C 247 13.59 10.70 -1.73
C HIS C 247 15.07 10.74 -2.08
N ARG C 248 15.37 10.89 -3.37
CA ARG C 248 16.76 10.94 -3.79
C ARG C 248 17.45 12.15 -3.17
N GLU C 249 16.66 13.19 -2.87
CA GLU C 249 17.16 14.40 -2.24
C GLU C 249 18.12 14.02 -1.11
N ILE C 250 17.63 13.16 -0.21
CA ILE C 250 18.39 12.70 0.95
C ILE C 250 19.69 12.03 0.53
N PHE C 251 19.66 11.37 -0.63
CA PHE C 251 20.81 10.67 -1.16
C PHE C 251 21.77 11.61 -1.87
N GLU C 252 21.22 12.73 -2.37
CA GLU C 252 22.01 13.73 -3.07
C GLU C 252 23.05 14.26 -2.07
N GLU C 253 22.56 14.77 -0.95
CA GLU C 253 23.40 15.33 0.11
C GLU C 253 24.52 14.39 0.54
N ARG C 254 24.18 13.12 0.73
CA ARG C 254 25.17 12.13 1.15
C ARG C 254 26.12 11.79 -0.01
N THR C 255 25.59 11.85 -1.22
CA THR C 255 26.37 11.57 -2.42
C THR C 255 27.28 12.78 -2.65
N LYS C 256 26.72 13.99 -2.52
CA LYS C 256 27.51 15.22 -2.71
C LYS C 256 28.53 15.39 -1.59
N PHE C 257 28.33 14.65 -0.50
CA PHE C 257 29.25 14.69 0.63
C PHE C 257 30.47 13.88 0.19
N ILE C 258 30.19 12.80 -0.53
CA ILE C 258 31.26 11.93 -1.00
C ILE C 258 32.20 12.66 -1.95
N VAL C 259 31.69 13.17 -3.06
CA VAL C 259 32.52 13.88 -4.01
C VAL C 259 33.48 14.80 -3.26
N GLU C 260 32.94 15.75 -2.52
CA GLU C 260 33.75 16.70 -1.77
C GLU C 260 34.78 15.98 -0.93
N GLU C 261 34.34 15.14 -0.01
CA GLU C 261 35.28 14.42 0.84
C GLU C 261 36.30 13.68 -0.02
N ARG C 262 35.89 13.19 -1.18
CA ARG C 262 36.81 12.47 -2.06
C ARG C 262 37.76 13.47 -2.72
N GLU C 263 37.16 14.37 -3.49
CA GLU C 263 37.89 15.38 -4.22
C GLU C 263 38.95 16.07 -3.37
N ARG C 264 38.78 16.07 -2.05
CA ARG C 264 39.76 16.73 -1.19
C ARG C 264 40.89 15.81 -0.73
N LYS C 266 41.94 13.84 -2.52
CA LYS C 266 42.58 13.72 -3.82
C LYS C 266 43.71 14.73 -3.85
N SER C 267 43.33 16.01 -3.83
CA SER C 267 44.26 17.13 -3.85
C SER C 267 45.19 17.15 -2.63
N ALA C 268 44.75 16.52 -1.54
CA ALA C 268 45.55 16.47 -0.32
C ALA C 268 46.49 15.27 -0.37
N LEU C 269 46.14 14.26 -1.17
CA LEU C 269 46.98 13.08 -1.31
C LEU C 269 48.09 13.41 -2.31
N ARG C 270 47.75 14.26 -3.28
CA ARG C 270 48.69 14.67 -4.31
C ARG C 270 49.71 15.70 -3.79
N GLU C 271 49.25 16.55 -2.86
CA GLU C 271 50.11 17.57 -2.25
C GLU C 271 51.24 16.88 -1.49
N GLY C 273 52.54 14.29 -1.86
CA GLY C 273 53.41 13.49 -2.72
C GLY C 273 52.82 12.35 -3.51
N TYR C 274 52.07 11.47 -2.84
CA TYR C 274 51.45 10.31 -3.48
C TYR C 274 50.82 10.64 -4.83
N ARG C 275 50.95 9.72 -5.77
CA ARG C 275 50.38 9.89 -7.10
C ARG C 275 49.02 9.20 -7.19
N ILE C 276 47.97 10.00 -7.40
CA ILE C 276 46.60 9.51 -7.48
C ILE C 276 46.03 9.61 -8.90
N THR C 277 44.82 9.08 -9.09
CA THR C 277 44.20 9.12 -10.41
C THR C 277 42.89 9.91 -10.39
N ASP C 278 42.66 10.70 -11.44
CA ASP C 278 41.46 11.53 -11.55
C ASP C 278 40.20 10.66 -11.45
N SER C 279 39.83 10.28 -10.24
CA SER C 279 38.65 9.44 -10.01
C SER C 279 37.34 10.23 -9.96
N ARG C 280 36.24 9.56 -10.28
CA ARG C 280 34.93 10.20 -10.24
C ARG C 280 33.92 9.27 -9.60
N GLY C 281 34.41 8.46 -8.66
CA GLY C 281 33.55 7.54 -7.95
C GLY C 281 33.53 7.89 -6.48
N ASN C 282 33.44 6.88 -5.61
CA ASN C 282 33.43 7.11 -4.17
C ASN C 282 34.62 6.42 -3.55
N PHE C 283 35.78 6.58 -4.18
CA PHE C 283 37.00 5.97 -3.70
C PHE C 283 38.23 6.67 -4.27
N VAL C 284 39.39 6.33 -3.73
CA VAL C 284 40.64 6.91 -4.18
C VAL C 284 41.57 5.77 -4.57
N PHE C 285 42.48 6.03 -5.50
CA PHE C 285 43.39 4.99 -5.93
C PHE C 285 44.85 5.46 -5.95
N VAL C 286 45.70 4.74 -5.23
CA VAL C 286 47.12 5.07 -5.19
C VAL C 286 47.90 3.87 -5.73
N PHE C 287 49.13 4.12 -6.17
CA PHE C 287 49.99 3.08 -6.73
C PHE C 287 51.11 2.67 -5.79
N GLU C 289 53.85 -1.26 -5.02
CA GLU C 289 54.07 -2.70 -5.11
C GLU C 289 55.01 -3.29 -4.05
N LYS C 290 55.88 -4.19 -4.48
CA LYS C 290 56.86 -4.88 -3.64
C LYS C 290 56.40 -5.18 -2.22
N GLU C 291 57.37 -5.24 -1.30
CA GLU C 291 57.10 -5.53 0.10
C GLU C 291 56.74 -4.30 0.92
N GLU C 292 56.51 -3.18 0.25
CA GLU C 292 56.09 -1.95 0.92
C GLU C 292 54.56 -2.02 0.90
N LYS C 293 54.05 -3.02 0.19
CA LYS C 293 52.62 -3.27 0.07
C LYS C 293 52.19 -4.12 1.27
N GLU C 294 52.96 -5.16 1.57
CA GLU C 294 52.66 -6.02 2.71
C GLU C 294 53.09 -5.32 3.99
N ARG C 295 54.02 -4.36 3.84
CA ARG C 295 54.55 -3.58 4.95
C ARG C 295 53.44 -2.66 5.48
N LEU C 296 52.60 -2.17 4.56
CA LEU C 296 51.47 -1.30 4.87
C LEU C 296 50.28 -2.14 5.31
N LEU C 297 50.32 -3.43 4.98
CA LEU C 297 49.26 -4.35 5.37
C LEU C 297 49.46 -4.68 6.83
N GLU C 298 50.72 -4.62 7.26
CA GLU C 298 51.11 -4.90 8.63
C GLU C 298 50.70 -3.73 9.53
N HIS C 299 50.75 -2.53 8.95
CA HIS C 299 50.38 -1.32 9.67
C HIS C 299 48.87 -1.16 9.69
N LEU C 300 48.22 -1.36 8.54
CA LEU C 300 46.77 -1.23 8.46
C LEU C 300 46.14 -2.42 9.16
N ARG C 301 46.92 -3.49 9.32
CA ARG C 301 46.44 -4.69 9.98
C ARG C 301 46.27 -4.39 11.46
N THR C 302 47.11 -3.50 11.99
CA THR C 302 47.02 -3.15 13.39
C THR C 302 45.97 -2.02 13.55
N LYS C 303 45.02 -2.01 12.62
CA LYS C 303 43.91 -1.04 12.60
C LYS C 303 42.60 -1.80 12.51
N ASN C 304 42.70 -3.10 12.20
CA ASN C 304 41.54 -3.96 12.07
C ASN C 304 40.77 -3.66 10.79
N VAL C 305 41.33 -2.75 9.99
CA VAL C 305 40.71 -2.34 8.72
C VAL C 305 41.20 -3.19 7.54
N ALA C 306 40.30 -3.47 6.60
CA ALA C 306 40.63 -4.26 5.43
C ALA C 306 41.14 -3.38 4.28
N VAL C 307 41.76 -4.01 3.29
CA VAL C 307 42.32 -3.30 2.15
C VAL C 307 41.75 -3.73 0.81
N ARG C 308 42.56 -3.65 -0.24
CA ARG C 308 42.11 -4.01 -1.57
C ARG C 308 43.19 -4.55 -2.54
N SER C 309 43.05 -4.22 -3.83
CA SER C 309 43.92 -4.67 -4.93
C SER C 309 45.30 -5.27 -4.72
N PHE C 310 45.71 -6.05 -5.71
CA PHE C 310 46.98 -6.78 -5.79
C PHE C 310 47.92 -6.26 -6.89
N ARG C 311 47.34 -5.84 -8.00
CA ARG C 311 48.13 -5.35 -9.12
C ARG C 311 48.74 -3.96 -8.91
N GLU C 312 48.18 -2.97 -9.62
CA GLU C 312 48.62 -1.58 -9.61
C GLU C 312 48.70 -0.82 -8.28
N GLY C 313 47.81 -1.13 -7.34
CA GLY C 313 47.84 -0.43 -6.07
C GLY C 313 46.57 -0.62 -5.27
N VAL C 314 46.59 -0.16 -4.03
CA VAL C 314 45.44 -0.28 -3.14
C VAL C 314 44.31 0.69 -3.50
N ARG C 315 43.08 0.27 -3.24
CA ARG C 315 41.91 1.10 -3.52
C ARG C 315 41.15 1.39 -2.22
N ILE C 316 41.08 2.67 -1.86
CA ILE C 316 40.41 3.10 -0.63
C ILE C 316 39.08 3.77 -0.96
N THR C 317 38.02 3.36 -0.24
CA THR C 317 36.70 3.92 -0.46
C THR C 317 36.37 5.03 0.53
N ILE C 318 35.70 6.07 0.04
CA ILE C 318 35.32 7.24 0.85
C ILE C 318 34.32 6.90 1.94
N GLY C 319 34.83 6.67 3.16
CA GLY C 319 33.98 6.35 4.30
C GLY C 319 33.55 7.63 5.01
N LYS C 320 33.39 7.58 6.33
CA LYS C 320 32.98 8.77 7.07
C LYS C 320 34.18 9.67 7.36
N ARG C 321 33.90 10.85 7.92
CA ARG C 321 34.94 11.80 8.27
C ARG C 321 36.02 11.13 9.14
N GLU C 322 35.66 10.74 10.35
CA GLU C 322 36.57 10.08 11.28
C GLU C 322 36.99 8.68 10.81
N GLU C 323 36.58 8.34 9.59
CA GLU C 323 36.94 7.05 9.01
C GLU C 323 38.23 7.31 8.24
N ASN C 324 38.19 8.35 7.41
CA ASN C 324 39.31 8.77 6.55
C ASN C 324 40.65 9.01 7.24
N ASP C 325 40.65 9.27 8.54
CA ASP C 325 41.90 9.49 9.25
C ASP C 325 42.74 8.20 9.19
N ILE C 327 43.12 6.53 6.65
CA ILE C 327 43.64 6.41 5.29
C ILE C 327 44.53 7.58 4.87
N LEU C 328 44.44 8.69 5.62
CA LEU C 328 45.27 9.85 5.31
C LEU C 328 46.07 10.24 6.54
N ARG C 329 45.42 10.24 7.70
CA ARG C 329 46.13 10.58 8.91
C ARG C 329 47.13 9.48 9.16
N GLU C 330 46.68 8.33 9.65
CA GLU C 330 47.60 7.22 9.94
C GLU C 330 48.21 6.64 8.66
N LEU C 331 48.53 7.53 7.73
CA LEU C 331 49.16 7.15 6.48
C LEU C 331 50.18 8.21 6.04
N GLU C 332 49.78 9.33 5.65
N ILE D 7 18.19 -10.29 -33.72
CA ILE D 7 17.31 -11.14 -32.87
C ILE D 7 17.81 -12.59 -32.86
N ALA D 8 18.73 -12.92 -31.95
CA ALA D 8 19.27 -14.29 -31.85
C ALA D 8 18.37 -15.20 -31.01
N LYS D 9 17.29 -14.61 -30.51
CA LYS D 9 16.32 -15.32 -29.69
C LYS D 9 15.03 -15.56 -30.48
N ARG D 10 14.87 -16.79 -30.94
CA ARG D 10 13.71 -17.26 -31.70
C ARG D 10 12.35 -16.95 -31.05
N ALA D 11 12.07 -17.62 -29.93
CA ALA D 11 10.81 -17.42 -29.18
C ALA D 11 11.03 -17.37 -27.66
N TYR D 12 9.99 -17.77 -26.92
CA TYR D 12 9.98 -17.78 -25.45
C TYR D 12 10.08 -16.37 -24.90
N PRO D 13 9.07 -15.55 -25.19
CA PRO D 13 9.00 -14.16 -24.75
C PRO D 13 8.81 -13.93 -23.25
N TYR D 14 9.06 -12.70 -22.83
CA TYR D 14 8.88 -12.31 -21.44
C TYR D 14 7.54 -11.60 -21.36
N GLU D 15 6.66 -12.10 -20.49
CA GLU D 15 5.34 -11.53 -20.30
C GLU D 15 4.97 -11.57 -18.84
N THR D 16 4.25 -10.55 -18.40
CA THR D 16 3.81 -10.49 -17.02
C THR D 16 2.33 -10.85 -16.97
N GLU D 17 1.97 -11.71 -16.02
CA GLU D 17 0.59 -12.14 -15.82
C GLU D 17 -0.34 -10.97 -15.53
N LYS D 18 -1.59 -11.08 -15.97
CA LYS D 18 -2.58 -10.04 -15.73
C LYS D 18 -3.69 -10.72 -14.91
N ARG D 19 -3.29 -11.21 -13.74
CA ARG D 19 -4.14 -11.94 -12.82
C ARG D 19 -5.51 -11.40 -12.46
N ASP D 20 -6.50 -12.28 -12.48
CA ASP D 20 -7.89 -11.97 -12.13
C ASP D 20 -8.03 -11.90 -10.61
N LYS D 21 -9.20 -11.51 -10.12
CA LYS D 21 -9.46 -11.42 -8.68
C LYS D 21 -9.19 -12.72 -7.92
N THR D 22 -9.84 -13.81 -8.33
CA THR D 22 -9.64 -15.12 -7.73
C THR D 22 -8.56 -15.81 -8.59
N TYR D 23 -7.35 -15.90 -8.05
CA TYR D 23 -6.21 -16.49 -8.75
C TYR D 23 -5.76 -17.81 -8.17
N LEU D 24 -5.92 -18.88 -8.94
CA LEU D 24 -5.53 -20.22 -8.45
C LEU D 24 -4.62 -20.91 -9.48
N ALA D 25 -3.78 -20.11 -10.13
CA ALA D 25 -2.92 -20.64 -11.19
C ALA D 25 -1.38 -20.57 -11.03
N LEU D 26 -0.87 -20.60 -9.80
CA LEU D 26 0.58 -20.56 -9.61
C LEU D 26 1.00 -21.31 -8.36
N ASN D 27 0.10 -22.14 -7.87
CA ASN D 27 0.34 -22.91 -6.67
C ASN D 27 0.81 -22.03 -5.52
N GLU D 28 0.27 -20.82 -5.45
CA GLU D 28 0.62 -19.90 -4.39
C GLU D 28 -0.22 -20.20 -3.14
N ASN D 29 0.41 -20.02 -1.99
CA ASN D 29 -0.23 -20.20 -0.69
C ASN D 29 -1.42 -19.21 -0.59
N PRO D 30 -2.61 -19.69 -0.21
CA PRO D 30 -3.78 -18.81 -0.09
C PRO D 30 -3.67 -17.72 0.97
N PHE D 31 -3.00 -18.07 2.05
CA PHE D 31 -2.82 -17.18 3.19
C PHE D 31 -1.60 -16.26 3.12
N PRO D 32 -1.78 -14.99 3.49
CA PRO D 32 -0.69 -14.03 3.47
C PRO D 32 0.29 -14.33 4.57
N PHE D 33 1.52 -13.88 4.40
CA PHE D 33 2.57 -14.08 5.39
C PHE D 33 2.06 -13.43 6.68
N PRO D 34 2.14 -14.13 7.82
CA PRO D 34 1.64 -13.50 9.06
C PRO D 34 2.02 -12.02 9.11
N GLU D 35 1.06 -11.17 9.47
CA GLU D 35 1.29 -9.72 9.54
C GLU D 35 2.18 -9.32 10.72
N ASP D 36 2.14 -10.11 11.79
CA ASP D 36 2.97 -9.84 12.94
C ASP D 36 4.41 -10.25 12.64
N LEU D 37 4.60 -11.35 11.93
CA LEU D 37 5.96 -11.78 11.57
C LEU D 37 6.59 -10.73 10.67
N VAL D 38 5.77 -10.01 9.92
CA VAL D 38 6.30 -8.94 9.08
C VAL D 38 6.83 -7.93 10.07
N ASP D 39 6.11 -7.73 11.17
CA ASP D 39 6.56 -6.76 12.16
C ASP D 39 7.84 -7.25 12.81
N GLU D 40 7.98 -8.57 12.91
CA GLU D 40 9.15 -9.17 13.51
C GLU D 40 10.41 -8.78 12.76
N VAL D 41 10.43 -9.06 11.46
CA VAL D 41 11.60 -8.73 10.66
C VAL D 41 11.83 -7.22 10.77
N PHE D 42 10.77 -6.44 10.59
CA PHE D 42 10.84 -4.98 10.67
C PHE D 42 11.59 -4.60 11.95
N ARG D 43 11.16 -5.20 13.06
CA ARG D 43 11.73 -4.97 14.38
C ARG D 43 13.20 -5.34 14.45
N ARG D 44 13.55 -6.48 13.85
CA ARG D 44 14.93 -6.95 13.85
C ARG D 44 15.81 -6.24 12.85
N LEU D 45 15.23 -5.83 11.73
CA LEU D 45 15.98 -5.15 10.68
C LEU D 45 17.02 -4.18 11.21
N ASN D 46 18.17 -4.12 10.54
CA ASN D 46 19.24 -3.21 10.93
C ASN D 46 19.52 -2.25 9.79
N SER D 47 19.37 -0.96 10.07
CA SER D 47 19.57 0.09 9.07
C SER D 47 20.99 0.20 8.50
N ASP D 48 21.99 -0.23 9.26
CA ASP D 48 23.38 -0.19 8.79
C ASP D 48 23.80 -1.60 8.38
N ALA D 49 22.93 -2.26 7.63
CA ALA D 49 23.20 -3.60 7.17
C ALA D 49 22.81 -3.59 5.71
N LEU D 50 22.02 -2.60 5.32
CA LEU D 50 21.54 -2.48 3.97
C LEU D 50 22.53 -1.77 3.07
N ARG D 51 23.48 -1.07 3.68
CA ARG D 51 24.51 -0.33 2.92
C ARG D 51 25.66 -1.25 2.56
N ILE D 52 25.80 -2.32 3.34
CA ILE D 52 26.85 -3.31 3.22
C ILE D 52 26.50 -4.48 2.29
N TYR D 53 27.52 -5.22 1.88
CA TYR D 53 27.30 -6.39 1.04
C TYR D 53 27.17 -7.55 2.01
N TYR D 54 25.92 -7.86 2.33
CA TYR D 54 25.56 -8.93 3.27
C TYR D 54 25.69 -10.33 2.67
N ASP D 55 26.39 -11.19 3.41
CA ASP D 55 26.63 -12.59 3.04
C ASP D 55 25.36 -13.21 2.49
N SER D 56 25.42 -13.77 1.28
CA SER D 56 24.24 -14.38 0.70
C SER D 56 23.77 -15.42 1.71
N PRO D 57 24.40 -16.60 1.77
CA PRO D 57 23.87 -17.52 2.78
C PRO D 57 24.54 -17.20 4.11
N ASP D 58 23.91 -16.38 4.95
CA ASP D 58 24.51 -16.04 6.24
C ASP D 58 24.43 -17.22 7.21
N GLU D 59 25.39 -17.26 8.13
CA GLU D 59 25.50 -18.34 9.12
C GLU D 59 24.16 -18.76 9.74
N GLU D 60 23.40 -17.80 10.26
CA GLU D 60 22.10 -18.07 10.88
C GLU D 60 21.13 -18.87 10.00
N LEU D 61 20.77 -18.29 8.86
CA LEU D 61 19.84 -18.94 7.94
C LEU D 61 20.22 -20.40 7.74
N ILE D 62 21.46 -20.64 7.31
CA ILE D 62 21.96 -22.00 7.07
C ILE D 62 21.77 -22.87 8.31
N GLU D 63 21.81 -22.25 9.48
CA GLU D 63 21.62 -22.95 10.75
C GLU D 63 20.15 -23.26 10.98
N LYS D 64 19.30 -22.26 10.85
CA LYS D 64 17.86 -22.44 11.05
C LYS D 64 17.26 -23.34 9.96
N ILE D 65 18.03 -23.55 8.88
CA ILE D 65 17.59 -24.40 7.77
C ILE D 65 18.09 -25.81 8.06
N LEU D 66 19.32 -25.86 8.54
CA LEU D 66 19.94 -27.10 8.88
C LEU D 66 19.02 -27.78 9.91
N SER D 67 18.51 -26.99 10.85
CA SER D 67 17.63 -27.50 11.90
C SER D 67 16.28 -27.96 11.36
N TYR D 68 15.72 -27.16 10.45
CA TYR D 68 14.43 -27.45 9.82
C TYR D 68 14.50 -28.81 9.09
N LEU D 69 15.58 -29.04 8.36
CA LEU D 69 15.75 -30.30 7.64
C LEU D 69 15.76 -31.46 8.63
N ASP D 70 16.10 -31.14 9.87
CA ASP D 70 16.18 -32.12 10.97
C ASP D 70 16.79 -33.46 10.58
N THR D 71 18.11 -33.55 10.72
CA THR D 71 18.83 -34.77 10.42
C THR D 71 20.03 -34.81 11.35
N ASP D 72 21.16 -35.30 10.87
CA ASP D 72 22.35 -35.38 11.68
C ASP D 72 23.57 -35.59 10.80
N PHE D 73 23.35 -35.70 9.51
CA PHE D 73 24.44 -35.91 8.56
C PHE D 73 24.62 -34.70 7.66
N LEU D 74 23.99 -33.59 8.03
CA LEU D 74 24.11 -32.36 7.26
C LEU D 74 24.86 -31.37 8.14
N SER D 75 25.39 -30.33 7.51
CA SER D 75 26.13 -29.28 8.20
C SER D 75 26.23 -28.06 7.29
N LYS D 76 27.04 -27.08 7.66
CA LYS D 76 27.23 -25.88 6.86
C LYS D 76 27.50 -26.21 5.38
N ASN D 77 28.39 -27.18 5.17
CA ASN D 77 28.82 -27.59 3.83
C ASN D 77 27.93 -28.52 3.00
N ASN D 78 26.68 -28.69 3.42
CA ASN D 78 25.76 -29.52 2.66
C ASN D 78 24.69 -28.60 2.08
N VAL D 79 24.57 -27.43 2.69
CA VAL D 79 23.55 -26.46 2.32
C VAL D 79 24.00 -25.14 1.71
N SER D 80 23.10 -24.58 0.91
CA SER D 80 23.31 -23.30 0.28
C SER D 80 21.92 -22.82 -0.09
N VAL D 81 21.80 -21.52 -0.34
CA VAL D 81 20.51 -20.91 -0.66
C VAL D 81 20.55 -20.45 -2.10
N GLY D 82 19.45 -19.88 -2.56
CA GLY D 82 19.39 -19.39 -3.93
C GLY D 82 18.33 -18.32 -4.00
N ASN D 83 18.39 -17.49 -5.03
CA ASN D 83 17.39 -16.44 -5.18
C ASN D 83 16.11 -17.09 -5.65
N GLY D 84 15.59 -18.00 -4.82
CA GLY D 84 14.39 -18.73 -5.15
C GLY D 84 14.82 -20.06 -5.74
N ALA D 85 13.98 -21.09 -5.60
CA ALA D 85 14.29 -22.40 -6.14
C ALA D 85 14.62 -22.32 -7.63
N ASP D 86 13.91 -21.44 -8.33
CA ASP D 86 14.13 -21.21 -9.74
C ASP D 86 15.60 -20.97 -10.06
N GLU D 87 16.25 -20.10 -9.29
CA GLU D 87 17.66 -19.79 -9.56
C GLU D 87 18.54 -21.02 -9.45
N ILE D 88 18.26 -21.86 -8.47
CA ILE D 88 19.05 -23.05 -8.30
C ILE D 88 18.91 -23.89 -9.56
N ILE D 89 17.70 -23.95 -10.11
CA ILE D 89 17.49 -24.69 -11.34
C ILE D 89 18.38 -23.99 -12.36
N TYR D 90 18.08 -22.72 -12.59
CA TYR D 90 18.81 -21.90 -13.54
C TYR D 90 20.32 -22.13 -13.52
N VAL D 91 20.98 -21.78 -12.42
CA VAL D 91 22.43 -21.95 -12.36
C VAL D 91 22.83 -23.40 -12.50
N LEU D 94 23.75 -24.27 -15.93
CA LEU D 94 24.93 -23.61 -16.50
C LEU D 94 26.12 -24.42 -16.01
N PHE D 96 26.09 -28.27 -15.31
CA PHE D 96 26.11 -29.50 -16.08
C PHE D 96 26.10 -29.35 -17.59
N ASP D 97 26.70 -30.35 -18.22
CA ASP D 97 26.85 -30.40 -19.67
C ASP D 97 25.48 -30.43 -20.33
N ARG D 98 24.59 -31.22 -19.75
CA ARG D 98 23.24 -31.35 -20.28
C ARG D 98 22.22 -31.53 -19.17
N SER D 99 21.05 -30.92 -19.34
CA SER D 99 19.95 -31.05 -18.38
C SER D 99 18.89 -31.95 -19.02
N VAL D 100 18.14 -32.67 -18.19
CA VAL D 100 17.13 -33.55 -18.75
C VAL D 100 15.92 -33.65 -17.83
N PHE D 101 14.72 -33.45 -18.38
CA PHE D 101 13.49 -33.54 -17.60
C PHE D 101 12.42 -34.28 -18.38
N PHE D 102 11.29 -34.56 -17.72
CA PHE D 102 10.22 -35.32 -18.36
C PHE D 102 8.84 -34.76 -18.34
N PRO D 103 8.44 -34.19 -19.47
CA PRO D 103 7.09 -33.63 -19.51
C PRO D 103 6.06 -34.71 -19.15
N PRO D 104 4.95 -34.32 -18.51
CA PRO D 104 4.55 -32.98 -18.08
C PRO D 104 5.27 -32.63 -16.76
N THR D 105 6.26 -31.74 -16.81
CA THR D 105 7.02 -31.36 -15.62
C THR D 105 6.92 -29.85 -15.48
N TYR D 106 7.73 -29.27 -14.60
CA TYR D 106 7.77 -27.82 -14.38
C TYR D 106 8.07 -27.18 -15.74
N SER D 107 7.24 -26.21 -16.13
CA SER D 107 7.40 -25.56 -17.42
C SER D 107 8.64 -24.71 -17.52
N CYS D 108 9.15 -24.29 -16.37
CA CYS D 108 10.35 -23.46 -16.36
C CYS D 108 11.61 -24.23 -16.62
N TYR D 109 11.53 -25.56 -16.67
CA TYR D 109 12.71 -26.34 -16.96
C TYR D 109 13.11 -26.12 -18.40
N ARG D 110 12.11 -26.11 -19.29
CA ARG D 110 12.36 -25.92 -20.71
C ARG D 110 12.76 -24.51 -21.11
N ILE D 111 12.07 -23.51 -20.58
CA ILE D 111 12.42 -22.14 -20.97
C ILE D 111 13.78 -21.72 -20.43
N PHE D 112 14.07 -22.11 -19.19
CA PHE D 112 15.34 -21.76 -18.57
C PHE D 112 16.46 -22.45 -19.33
N ALA D 113 16.21 -23.68 -19.76
CA ALA D 113 17.21 -24.42 -20.52
C ALA D 113 17.47 -23.66 -21.81
N LYS D 114 16.40 -23.23 -22.46
CA LYS D 114 16.51 -22.47 -23.70
C LYS D 114 17.17 -21.13 -23.43
N ALA D 115 16.69 -20.41 -22.42
CA ALA D 115 17.22 -19.09 -22.07
C ALA D 115 18.74 -19.09 -21.96
N VAL D 116 19.27 -20.03 -21.19
CA VAL D 116 20.72 -20.13 -21.02
C VAL D 116 21.32 -20.92 -22.18
N GLY D 117 20.53 -21.07 -23.24
CA GLY D 117 20.96 -21.78 -24.42
C GLY D 117 21.55 -23.17 -24.19
N ALA D 118 21.16 -23.81 -23.09
CA ALA D 118 21.71 -25.11 -22.78
C ALA D 118 21.10 -26.25 -23.57
N LYS D 119 21.66 -27.43 -23.30
CA LYS D 119 21.26 -28.68 -23.95
C LYS D 119 20.27 -29.38 -23.03
N PHE D 120 19.22 -29.98 -23.60
CA PHE D 120 18.22 -30.68 -22.79
C PHE D 120 17.47 -31.83 -23.46
N LEU D 121 17.30 -32.91 -22.70
CA LEU D 121 16.62 -34.10 -23.16
C LEU D 121 15.21 -34.15 -22.60
N GLU D 122 14.23 -34.11 -23.50
CA GLU D 122 12.82 -34.17 -23.12
C GLU D 122 12.23 -35.51 -23.50
N VAL D 123 11.62 -36.18 -22.55
CA VAL D 123 11.01 -37.46 -22.82
C VAL D 123 9.76 -37.60 -21.99
N PRO D 124 8.59 -37.51 -22.61
CA PRO D 124 7.35 -37.62 -21.86
C PRO D 124 7.36 -38.83 -20.92
N LEU D 125 6.58 -38.72 -19.85
CA LEU D 125 6.46 -39.79 -18.87
C LEU D 125 5.53 -40.81 -19.49
N THR D 126 5.51 -42.01 -18.91
CA THR D 126 4.64 -43.05 -19.41
C THR D 126 3.21 -42.53 -19.28
N LYS D 127 2.26 -43.23 -19.89
CA LYS D 127 0.86 -42.84 -19.82
C LYS D 127 0.39 -42.83 -18.37
N ASP D 128 1.11 -43.58 -17.53
CA ASP D 128 0.80 -43.68 -16.10
C ASP D 128 1.79 -42.88 -15.26
N LEU D 129 2.10 -41.66 -15.69
CA LEU D 129 3.01 -40.75 -15.00
C LEU D 129 4.26 -41.44 -14.42
N ARG D 130 4.87 -42.29 -15.22
CA ARG D 130 6.04 -43.04 -14.81
C ARG D 130 7.26 -42.61 -15.62
N ILE D 131 8.42 -42.53 -14.96
CA ILE D 131 9.65 -42.11 -15.62
C ILE D 131 10.02 -43.08 -16.74
N PRO D 132 10.14 -42.56 -17.97
CA PRO D 132 10.48 -43.31 -19.20
C PRO D 132 11.92 -43.76 -19.33
N GLU D 133 12.17 -44.68 -20.26
CA GLU D 133 13.52 -45.18 -20.49
C GLU D 133 14.31 -44.11 -21.27
N VAL D 134 15.42 -43.67 -20.69
CA VAL D 134 16.22 -42.61 -21.31
C VAL D 134 17.71 -42.89 -21.29
N ASN D 135 18.41 -42.35 -22.30
CA ASN D 135 19.85 -42.50 -22.35
C ASN D 135 20.45 -41.30 -21.66
N VAL D 136 20.78 -41.46 -20.39
CA VAL D 136 21.39 -40.40 -19.60
C VAL D 136 22.46 -41.07 -18.78
N GLY D 137 23.29 -40.27 -18.12
CA GLY D 137 24.35 -40.84 -17.31
C GLY D 137 25.29 -39.77 -16.82
N GLU D 138 26.55 -40.13 -16.58
CA GLU D 138 27.54 -39.16 -16.12
C GLU D 138 27.44 -37.90 -17.01
N GLY D 139 27.55 -36.73 -16.39
CA GLY D 139 27.49 -35.49 -17.13
C GLY D 139 26.16 -34.78 -17.03
N ASP D 140 25.09 -35.51 -17.31
CA ASP D 140 23.74 -34.98 -17.27
C ASP D 140 23.28 -34.56 -15.88
N VAL D 141 22.17 -33.83 -15.87
CA VAL D 141 21.55 -33.40 -14.63
C VAL D 141 20.08 -33.56 -14.96
N VAL D 142 19.41 -34.47 -14.25
CA VAL D 142 18.00 -34.72 -14.52
C VAL D 142 17.06 -34.12 -13.46
N PHE D 143 16.20 -33.22 -13.91
CA PHE D 143 15.24 -32.56 -13.04
C PHE D 143 13.99 -33.39 -12.86
N ILE D 144 13.77 -33.83 -11.64
CA ILE D 144 12.61 -34.63 -11.33
C ILE D 144 11.90 -34.05 -10.12
N PRO D 145 10.89 -33.19 -10.37
CA PRO D 145 10.14 -32.57 -9.28
C PRO D 145 9.18 -33.60 -8.66
N ASN D 146 9.47 -33.97 -7.43
CA ASN D 146 8.64 -34.93 -6.73
C ASN D 146 8.24 -34.36 -5.37
N PRO D 147 6.93 -34.09 -5.16
CA PRO D 147 5.74 -34.22 -6.00
C PRO D 147 5.95 -33.51 -7.35
N ASN D 148 5.50 -34.13 -8.42
CA ASN D 148 5.66 -33.55 -9.72
C ASN D 148 4.73 -32.37 -9.96
N ASN D 149 5.14 -31.49 -10.85
CA ASN D 149 4.32 -30.35 -11.24
C ASN D 149 4.01 -30.56 -12.73
N PRO D 150 2.76 -30.42 -13.15
CA PRO D 150 1.52 -30.09 -12.46
C PRO D 150 0.75 -31.34 -12.07
N THR D 151 1.22 -32.53 -12.39
CA THR D 151 0.42 -33.69 -12.00
C THR D 151 0.27 -33.91 -10.47
N GLY D 152 1.11 -33.27 -9.66
CA GLY D 152 1.03 -33.45 -8.22
C GLY D 152 1.48 -34.83 -7.75
N HIS D 153 1.48 -35.84 -8.61
CA HIS D 153 1.88 -37.20 -8.23
C HIS D 153 3.30 -37.38 -7.72
N VAL D 154 3.48 -38.33 -6.80
CA VAL D 154 4.79 -38.63 -6.23
C VAL D 154 5.43 -39.82 -6.95
N PHE D 155 6.70 -39.65 -7.30
CA PHE D 155 7.46 -40.67 -8.01
C PHE D 155 7.94 -41.74 -7.04
N GLU D 156 7.75 -43.01 -7.38
CA GLU D 156 8.17 -44.12 -6.54
C GLU D 156 9.69 -44.10 -6.38
N ARG D 157 10.17 -44.46 -5.20
CA ARG D 157 11.61 -44.46 -4.91
C ARG D 157 12.45 -45.24 -5.92
N GLU D 158 12.01 -46.46 -6.25
CA GLU D 158 12.74 -47.29 -7.20
C GLU D 158 13.07 -46.48 -8.44
N GLU D 159 12.13 -45.61 -8.82
CA GLU D 159 12.27 -44.75 -9.99
C GLU D 159 13.44 -43.79 -9.84
N ILE D 160 13.41 -42.95 -8.81
CA ILE D 160 14.48 -42.00 -8.59
C ILE D 160 15.80 -42.75 -8.42
N GLU D 161 15.79 -43.87 -7.71
CA GLU D 161 17.02 -44.65 -7.53
C GLU D 161 17.54 -45.17 -8.88
N ARG D 162 16.64 -45.61 -9.75
CA ARG D 162 17.04 -46.11 -11.05
C ARG D 162 17.85 -45.08 -11.82
N ILE D 163 17.35 -43.85 -11.91
CA ILE D 163 18.10 -42.83 -12.61
C ILE D 163 19.32 -42.44 -11.80
N LEU D 164 19.29 -42.68 -10.49
CA LEU D 164 20.43 -42.36 -9.65
C LEU D 164 21.58 -43.26 -10.05
N LYS D 165 21.30 -44.55 -10.06
CA LYS D 165 22.26 -45.59 -10.42
C LYS D 165 22.87 -45.31 -11.79
N THR D 166 22.20 -44.44 -12.54
CA THR D 166 22.63 -44.06 -13.87
C THR D 166 23.94 -43.34 -13.89
N GLY D 167 24.32 -42.77 -12.74
CA GLY D 167 25.56 -42.04 -12.66
C GLY D 167 25.29 -40.58 -12.94
N ALA D 168 24.09 -40.30 -13.42
CA ALA D 168 23.72 -38.93 -13.70
C ALA D 168 23.48 -38.26 -12.36
N PHE D 169 23.53 -36.93 -12.36
CA PHE D 169 23.27 -36.16 -11.15
C PHE D 169 21.75 -35.92 -11.16
N VAL D 170 21.08 -36.23 -10.05
CA VAL D 170 19.63 -36.05 -9.99
C VAL D 170 19.21 -34.84 -9.18
N ALA D 171 18.32 -34.04 -9.77
CA ALA D 171 17.80 -32.83 -9.12
C ALA D 171 16.38 -33.07 -8.59
N LEU D 172 16.28 -33.51 -7.34
CA LEU D 172 14.97 -33.73 -6.74
C LEU D 172 14.35 -32.39 -6.34
N ASP D 173 13.52 -31.84 -7.22
CA ASP D 173 12.86 -30.56 -6.98
C ASP D 173 11.71 -30.72 -6.00
N GLU D 174 11.99 -30.53 -4.71
CA GLU D 174 10.97 -30.69 -3.67
C GLU D 174 10.24 -29.41 -3.27
N ALA D 175 9.74 -28.67 -4.26
CA ALA D 175 9.00 -27.44 -4.01
C ALA D 175 7.72 -27.68 -3.24
N TYR D 176 7.16 -28.88 -3.38
CA TYR D 176 5.92 -29.21 -2.69
C TYR D 176 6.13 -30.31 -1.66
N TYR D 177 7.31 -30.30 -1.05
CA TYR D 177 7.61 -31.29 -0.01
C TYR D 177 6.61 -31.12 1.13
N GLU D 178 6.47 -29.89 1.59
CA GLU D 178 5.59 -29.55 2.69
C GLU D 178 4.15 -30.07 2.63
N PHE D 179 3.63 -30.28 1.42
CA PHE D 179 2.25 -30.76 1.27
C PHE D 179 2.22 -32.27 1.08
N HIS D 180 3.39 -32.88 1.18
CA HIS D 180 3.52 -34.32 1.04
C HIS D 180 4.00 -34.89 2.37
N GLY D 181 5.14 -34.38 2.84
CA GLY D 181 5.69 -34.80 4.12
C GLY D 181 6.79 -35.85 4.08
N GLU D 182 7.25 -36.16 2.87
CA GLU D 182 8.30 -37.17 2.69
C GLU D 182 9.31 -36.71 1.66
N SER D 183 10.54 -36.47 2.10
CA SER D 183 11.60 -36.04 1.20
C SER D 183 12.57 -37.18 0.97
N TYR D 184 13.56 -36.96 0.10
CA TYR D 184 14.55 -37.97 -0.22
C TYR D 184 15.93 -37.50 0.17
N VAL D 185 15.99 -36.59 1.14
CA VAL D 185 17.26 -36.07 1.62
C VAL D 185 18.16 -37.19 2.12
N ASP D 186 17.56 -38.18 2.77
CA ASP D 186 18.31 -39.30 3.31
C ASP D 186 19.17 -39.99 2.23
N PHE D 187 18.80 -39.83 0.96
CA PHE D 187 19.57 -40.44 -0.11
C PHE D 187 20.94 -39.78 -0.25
N LEU D 188 21.21 -38.81 0.62
CA LEU D 188 22.49 -38.12 0.60
C LEU D 188 23.46 -38.86 1.50
N LYS D 189 22.99 -39.98 2.04
CA LYS D 189 23.81 -40.82 2.91
C LYS D 189 24.31 -42.05 2.16
N LYS D 190 24.25 -42.00 0.82
CA LYS D 190 24.72 -43.09 -0.03
C LYS D 190 24.86 -42.69 -1.49
N TYR D 191 24.45 -41.46 -1.80
CA TYR D 191 24.56 -40.95 -3.16
C TYR D 191 25.11 -39.54 -3.13
N GLU D 192 26.29 -39.32 -3.73
CA GLU D 192 26.89 -38.00 -3.76
C GLU D 192 26.54 -37.33 -5.06
N ASN D 193 25.59 -37.90 -5.77
CA ASN D 193 25.12 -37.37 -7.04
C ASN D 193 23.61 -37.12 -6.91
N LEU D 194 23.26 -36.24 -5.97
CA LEU D 194 21.87 -35.92 -5.70
C LEU D 194 21.73 -34.63 -4.90
N ALA D 195 20.80 -33.79 -5.33
CA ALA D 195 20.56 -32.52 -4.65
C ALA D 195 19.06 -32.28 -4.55
N VAL D 196 18.57 -31.89 -3.38
CA VAL D 196 17.14 -31.60 -3.22
C VAL D 196 16.89 -30.10 -3.12
N ILE D 197 16.02 -29.59 -3.98
CA ILE D 197 15.70 -28.18 -3.99
C ILE D 197 14.44 -27.98 -3.21
N ARG D 198 14.45 -26.94 -2.38
CA ARG D 198 13.31 -26.60 -1.55
C ARG D 198 13.04 -25.12 -1.74
N THR D 199 11.91 -24.65 -1.22
CA THR D 199 11.59 -23.24 -1.36
C THR D 199 10.73 -22.72 -0.22
N PHE D 200 10.76 -21.40 -0.04
CA PHE D 200 9.96 -20.74 0.97
C PHE D 200 8.75 -20.19 0.27
N SER D 201 8.85 -20.15 -1.07
CA SER D 201 7.78 -19.64 -1.91
C SER D 201 6.47 -20.36 -1.66
N LYS D 202 6.50 -21.69 -1.61
CA LYS D 202 5.23 -22.36 -1.35
C LYS D 202 4.38 -22.37 -0.09
N ALA D 203 4.89 -23.07 0.90
CA ALA D 203 4.21 -23.23 2.16
C ALA D 203 4.47 -22.09 3.11
N PHE D 204 5.39 -21.20 2.76
CA PHE D 204 5.71 -20.09 3.65
C PHE D 204 5.22 -18.71 3.21
N SER D 205 4.39 -18.64 2.18
CA SER D 205 3.89 -17.37 1.69
C SER D 205 5.04 -16.41 1.49
N LEU D 206 6.10 -16.88 0.85
CA LEU D 206 7.26 -16.04 0.63
C LEU D 206 7.65 -16.02 -0.84
N ALA D 207 6.74 -16.44 -1.71
CA ALA D 207 7.03 -16.46 -3.12
C ALA D 207 7.46 -15.11 -3.64
N ALA D 208 7.10 -14.06 -2.92
CA ALA D 208 7.47 -12.70 -3.35
C ALA D 208 8.88 -12.27 -2.93
N GLN D 209 9.47 -12.98 -1.97
CA GLN D 209 10.81 -12.62 -1.52
C GLN D 209 11.93 -13.39 -2.16
N ARG D 210 11.57 -14.50 -2.82
CA ARG D 210 12.53 -15.31 -3.55
C ARG D 210 13.63 -15.97 -2.71
N VAL D 211 13.36 -17.14 -2.11
CA VAL D 211 14.42 -17.76 -1.33
C VAL D 211 14.44 -19.29 -1.37
N GLY D 212 15.20 -19.87 -2.29
CA GLY D 212 15.29 -21.32 -2.33
C GLY D 212 16.58 -21.84 -1.67
N TYR D 213 16.63 -23.13 -1.38
CA TYR D 213 17.84 -23.71 -0.78
C TYR D 213 18.07 -25.16 -1.23
N VAL D 214 19.33 -25.50 -1.48
CA VAL D 214 19.66 -26.84 -1.93
C VAL D 214 20.26 -27.62 -0.79
N VAL D 215 20.29 -28.93 -0.95
CA VAL D 215 20.85 -29.82 0.06
C VAL D 215 21.51 -30.93 -0.71
N ALA D 216 22.84 -30.94 -0.73
CA ALA D 216 23.62 -31.94 -1.46
C ALA D 216 25.00 -32.20 -0.84
N SER D 217 25.79 -33.03 -1.51
CA SER D 217 27.14 -33.35 -1.05
C SER D 217 27.99 -32.08 -0.99
N GLU D 218 28.95 -32.06 -0.06
CA GLU D 218 29.81 -30.90 0.13
C GLU D 218 30.51 -30.52 -1.16
N LYS D 219 30.87 -31.53 -1.95
CA LYS D 219 31.53 -31.27 -3.21
C LYS D 219 30.62 -30.49 -4.18
N PHE D 220 29.34 -30.85 -4.23
CA PHE D 220 28.40 -30.15 -5.11
C PHE D 220 28.20 -28.71 -4.66
N ILE D 221 27.80 -28.54 -3.41
CA ILE D 221 27.58 -27.21 -2.85
C ILE D 221 28.73 -26.26 -3.21
N ASP D 222 29.96 -26.76 -3.12
CA ASP D 222 31.12 -25.90 -3.42
C ASP D 222 31.10 -25.33 -4.85
N ALA D 223 30.81 -26.18 -5.83
CA ALA D 223 30.75 -25.74 -7.22
C ALA D 223 29.63 -24.74 -7.37
N TYR D 224 28.44 -25.14 -6.89
CA TYR D 224 27.25 -24.29 -6.96
C TYR D 224 27.49 -22.86 -6.43
N ASN D 225 28.25 -22.74 -5.35
CA ASN D 225 28.55 -21.43 -4.75
C ASN D 225 29.45 -20.55 -5.62
N ARG D 226 30.47 -21.14 -6.22
CA ARG D 226 31.38 -20.40 -7.06
C ARG D 226 30.81 -20.11 -8.44
N VAL D 227 29.87 -20.93 -8.92
CA VAL D 227 29.25 -20.70 -10.23
C VAL D 227 28.06 -19.73 -10.13
N ARG D 228 27.42 -19.69 -8.97
CA ARG D 228 26.29 -18.80 -8.76
C ARG D 228 26.81 -17.45 -8.32
N LEU D 229 25.94 -16.45 -8.29
CA LEU D 229 26.33 -15.12 -7.83
C LEU D 229 26.61 -15.26 -6.33
N PRO D 230 27.55 -14.47 -5.80
CA PRO D 230 27.90 -14.53 -4.38
C PRO D 230 26.84 -13.86 -3.49
N PHE D 231 26.10 -12.92 -4.08
CA PHE D 231 25.04 -12.21 -3.37
C PHE D 231 23.67 -12.49 -3.98
N ASN D 232 23.12 -13.67 -3.66
CA ASN D 232 21.84 -14.15 -4.16
C ASN D 232 20.64 -13.60 -3.44
N VAL D 233 20.58 -13.92 -2.15
CA VAL D 233 19.48 -13.51 -1.31
C VAL D 233 19.74 -12.23 -0.57
N SER D 234 18.89 -11.24 -0.82
CA SER D 234 19.00 -9.94 -0.19
C SER D 234 18.90 -10.08 1.31
N TYR D 235 19.51 -9.12 2.03
CA TYR D 235 19.50 -9.11 3.49
C TYR D 235 18.09 -9.40 4.03
N VAL D 236 17.16 -8.48 3.75
CA VAL D 236 15.79 -8.60 4.20
C VAL D 236 15.11 -9.92 3.88
N SER D 237 15.18 -10.36 2.62
CA SER D 237 14.56 -11.62 2.22
C SER D 237 14.97 -12.70 3.18
N GLN D 238 16.23 -12.68 3.57
CA GLN D 238 16.77 -13.66 4.51
C GLN D 238 16.14 -13.49 5.88
N PHE D 240 13.13 -12.62 6.54
CA PHE D 240 11.85 -13.31 6.43
C PHE D 240 12.10 -14.80 6.58
N ALA D 241 12.89 -15.33 5.65
CA ALA D 241 13.23 -16.73 5.67
C ALA D 241 13.48 -17.25 7.09
N LYS D 242 14.36 -16.56 7.83
CA LYS D 242 14.72 -16.98 9.19
C LYS D 242 13.57 -16.92 10.19
N VAL D 243 12.82 -15.82 10.20
CA VAL D 243 11.69 -15.70 11.14
C VAL D 243 10.63 -16.72 10.78
N ALA D 244 10.48 -16.98 9.48
CA ALA D 244 9.50 -17.95 9.01
C ALA D 244 9.78 -19.25 9.72
N LEU D 245 11.02 -19.71 9.64
CA LEU D 245 11.39 -20.96 10.30
C LEU D 245 11.19 -20.88 11.81
N ASP D 246 11.42 -19.69 12.37
CA ASP D 246 11.28 -19.51 13.81
C ASP D 246 9.84 -19.68 14.32
N HIS D 247 8.88 -19.66 13.41
CA HIS D 247 7.49 -19.83 13.79
C HIS D 247 6.86 -20.89 12.89
N ARG D 248 7.67 -21.85 12.45
CA ARG D 248 7.17 -22.89 11.55
C ARG D 248 5.81 -23.43 11.96
N GLU D 249 5.61 -23.58 13.27
CA GLU D 249 4.33 -24.07 13.80
C GLU D 249 3.13 -23.54 13.02
N ILE D 250 3.10 -22.23 12.86
CA ILE D 250 2.02 -21.57 12.13
C ILE D 250 1.84 -22.15 10.73
N PHE D 251 2.92 -22.16 9.96
CA PHE D 251 2.87 -22.65 8.60
C PHE D 251 2.52 -24.14 8.50
N GLU D 252 3.01 -24.92 9.45
CA GLU D 252 2.71 -26.32 9.42
C GLU D 252 1.20 -26.49 9.48
N GLU D 253 0.53 -25.64 10.25
CA GLU D 253 -0.92 -25.74 10.35
C GLU D 253 -1.60 -25.25 9.08
N ARG D 254 -1.08 -24.17 8.47
CA ARG D 254 -1.64 -23.66 7.21
C ARG D 254 -1.55 -24.82 6.21
N THR D 255 -0.39 -25.44 6.17
CA THR D 255 -0.17 -26.57 5.30
C THR D 255 -1.26 -27.63 5.58
N LYS D 256 -1.47 -27.98 6.84
CA LYS D 256 -2.49 -28.97 7.18
C LYS D 256 -3.83 -28.62 6.55
N PHE D 257 -4.19 -27.34 6.60
CA PHE D 257 -5.46 -26.91 6.04
C PHE D 257 -5.51 -27.10 4.54
N ILE D 258 -4.39 -26.77 3.90
CA ILE D 258 -4.29 -26.88 2.45
C ILE D 258 -4.42 -28.33 1.98
N VAL D 259 -3.73 -29.26 2.64
CA VAL D 259 -3.83 -30.66 2.23
C VAL D 259 -5.24 -31.17 2.51
N GLU D 260 -5.75 -30.90 3.69
CA GLU D 260 -7.08 -31.33 4.06
C GLU D 260 -8.08 -30.76 3.09
N GLU D 261 -7.88 -29.50 2.75
CA GLU D 261 -8.77 -28.87 1.82
C GLU D 261 -8.59 -29.52 0.45
N ARG D 262 -7.38 -30.01 0.19
CA ARG D 262 -7.06 -30.66 -1.08
C ARG D 262 -7.71 -32.04 -1.28
N GLU D 263 -7.63 -32.91 -0.27
CA GLU D 263 -8.20 -34.24 -0.38
C GLU D 263 -9.71 -34.18 -0.41
N ARG D 264 -10.24 -32.99 -0.22
CA ARG D 264 -11.69 -32.79 -0.25
C ARG D 264 -12.11 -32.55 -1.71
N LYS D 266 -10.37 -33.39 -4.36
CA LYS D 266 -10.11 -34.64 -5.05
C LYS D 266 -11.27 -35.61 -4.90
N SER D 267 -11.86 -35.66 -3.72
CA SER D 267 -13.01 -36.52 -3.49
C SER D 267 -14.16 -35.95 -4.31
N ALA D 268 -14.62 -34.77 -3.90
CA ALA D 268 -15.72 -34.10 -4.59
C ALA D 268 -15.68 -34.32 -6.09
N LEU D 269 -14.52 -34.05 -6.68
CA LEU D 269 -14.28 -34.18 -8.12
C LEU D 269 -14.54 -35.59 -8.67
N ARG D 270 -13.99 -36.60 -7.99
CA ARG D 270 -14.20 -37.98 -8.43
C ARG D 270 -15.71 -38.18 -8.52
N GLU D 271 -16.39 -37.84 -7.44
CA GLU D 271 -17.84 -37.92 -7.32
C GLU D 271 -18.47 -37.32 -8.57
N GLY D 273 -17.38 -37.20 -11.24
CA GLY D 273 -17.06 -38.01 -12.40
C GLY D 273 -15.84 -37.52 -13.18
N TYR D 274 -15.05 -36.64 -12.57
CA TYR D 274 -13.85 -36.14 -13.23
C TYR D 274 -12.69 -37.07 -12.97
N ARG D 275 -11.80 -37.15 -13.94
CA ARG D 275 -10.61 -37.97 -13.82
C ARG D 275 -9.49 -37.04 -13.31
N ILE D 276 -8.85 -37.42 -12.21
CA ILE D 276 -7.79 -36.58 -11.67
C ILE D 276 -6.66 -37.42 -11.11
N THR D 277 -5.49 -36.80 -10.97
CA THR D 277 -4.32 -37.49 -10.42
C THR D 277 -4.34 -37.45 -8.89
N ASP D 278 -3.55 -38.32 -8.26
CA ASP D 278 -3.44 -38.40 -6.79
C ASP D 278 -2.43 -37.36 -6.30
N SER D 279 -2.62 -36.10 -6.70
CA SER D 279 -1.72 -35.02 -6.30
C SER D 279 -1.53 -34.80 -4.81
N ARG D 280 -0.29 -34.51 -4.45
CA ARG D 280 0.05 -34.26 -3.07
C ARG D 280 0.76 -32.92 -2.99
N GLY D 281 0.46 -32.05 -3.95
CA GLY D 281 1.04 -30.73 -3.95
C GLY D 281 -0.03 -29.86 -3.30
N ASN D 282 0.08 -28.54 -3.45
CA ASN D 282 -0.92 -27.63 -2.89
C ASN D 282 -1.88 -27.28 -4.02
N PHE D 283 -2.30 -28.30 -4.73
CA PHE D 283 -3.20 -28.11 -5.87
C PHE D 283 -3.67 -29.48 -6.33
N VAL D 284 -4.59 -29.47 -7.29
CA VAL D 284 -5.13 -30.69 -7.89
C VAL D 284 -5.06 -30.53 -9.39
N PHE D 285 -5.03 -31.64 -10.10
CA PHE D 285 -4.96 -31.60 -11.54
C PHE D 285 -6.25 -32.26 -12.03
N VAL D 286 -6.89 -31.69 -13.04
CA VAL D 286 -8.14 -32.22 -13.57
C VAL D 286 -7.92 -32.44 -15.05
N PHE D 287 -8.25 -33.63 -15.53
CA PHE D 287 -8.11 -33.93 -16.95
C PHE D 287 -9.30 -33.49 -17.79
N GLU D 289 -10.34 -32.10 -22.20
CA GLU D 289 -9.90 -32.09 -23.60
C GLU D 289 -9.92 -30.67 -24.16
N LYS D 290 -8.94 -30.36 -25.02
CA LYS D 290 -8.82 -29.04 -25.64
C LYS D 290 -10.15 -28.27 -25.74
N GLU D 291 -11.04 -28.76 -26.59
CA GLU D 291 -12.35 -28.14 -26.81
C GLU D 291 -13.09 -27.93 -25.51
N GLU D 292 -13.17 -29.00 -24.73
CA GLU D 292 -13.85 -29.02 -23.46
C GLU D 292 -13.16 -28.11 -22.45
N LYS D 293 -11.83 -28.17 -22.40
CA LYS D 293 -11.07 -27.38 -21.47
C LYS D 293 -11.12 -25.90 -21.77
N GLU D 294 -10.88 -25.59 -23.05
CA GLU D 294 -10.91 -24.22 -23.52
C GLU D 294 -12.23 -23.57 -23.15
N ARG D 295 -13.32 -24.31 -23.33
CA ARG D 295 -14.66 -23.82 -23.01
C ARG D 295 -14.74 -23.37 -21.55
N LEU D 296 -14.41 -24.29 -20.66
CA LEU D 296 -14.44 -24.00 -19.24
C LEU D 296 -13.59 -22.75 -18.98
N LEU D 297 -12.31 -22.83 -19.30
CA LEU D 297 -11.39 -21.71 -19.12
C LEU D 297 -12.03 -20.39 -19.53
N GLU D 298 -12.73 -20.39 -20.66
CA GLU D 298 -13.37 -19.19 -21.15
C GLU D 298 -14.43 -18.68 -20.20
N HIS D 299 -15.27 -19.59 -19.70
CA HIS D 299 -16.33 -19.19 -18.75
C HIS D 299 -15.69 -18.71 -17.45
N LEU D 300 -14.72 -19.46 -16.95
CA LEU D 300 -14.02 -19.08 -15.73
C LEU D 300 -13.43 -17.69 -15.88
N ARG D 301 -12.99 -17.37 -17.10
CA ARG D 301 -12.40 -16.08 -17.41
C ARG D 301 -13.42 -14.97 -17.21
N THR D 302 -14.69 -15.37 -17.21
CA THR D 302 -15.83 -14.48 -17.03
C THR D 302 -16.25 -14.44 -15.56
N LYS D 303 -15.81 -15.43 -14.81
CA LYS D 303 -16.11 -15.52 -13.39
C LYS D 303 -15.01 -14.88 -12.56
N ASN D 304 -14.10 -14.19 -13.24
CA ASN D 304 -12.97 -13.54 -12.59
C ASN D 304 -11.97 -14.50 -11.98
N VAL D 305 -12.22 -15.80 -12.12
CA VAL D 305 -11.30 -16.81 -11.58
C VAL D 305 -10.26 -17.18 -12.64
N ALA D 306 -9.11 -17.67 -12.20
CA ALA D 306 -8.07 -18.06 -13.12
C ALA D 306 -7.36 -19.31 -12.63
N VAL D 307 -7.22 -20.28 -13.52
CA VAL D 307 -6.53 -21.53 -13.22
C VAL D 307 -5.47 -21.71 -14.30
N ARG D 308 -4.46 -22.52 -14.02
CA ARG D 308 -3.38 -22.76 -14.98
C ARG D 308 -3.78 -23.84 -15.97
N SER D 309 -3.42 -23.65 -17.23
CA SER D 309 -3.74 -24.66 -18.24
C SER D 309 -2.55 -25.49 -18.68
N PHE D 310 -2.84 -26.73 -19.02
CA PHE D 310 -1.85 -27.68 -19.47
C PHE D 310 -2.50 -28.55 -20.53
N ARG D 311 -1.71 -28.96 -21.50
CA ARG D 311 -2.20 -29.78 -22.61
C ARG D 311 -3.29 -30.80 -22.29
N GLU D 312 -3.07 -31.65 -21.28
CA GLU D 312 -4.04 -32.68 -20.94
C GLU D 312 -5.15 -32.26 -19.98
N GLY D 313 -5.08 -31.04 -19.46
CA GLY D 313 -6.11 -30.59 -18.53
C GLY D 313 -5.67 -29.37 -17.74
N VAL D 314 -6.40 -29.04 -16.67
CA VAL D 314 -6.05 -27.88 -15.85
C VAL D 314 -5.45 -28.26 -14.51
N ARG D 315 -4.60 -27.37 -14.00
CA ARG D 315 -3.95 -27.56 -12.71
C ARG D 315 -4.53 -26.48 -11.82
N ILE D 316 -5.37 -26.89 -10.87
CA ILE D 316 -6.04 -25.95 -9.98
C ILE D 316 -5.37 -25.89 -8.63
N THR D 317 -4.98 -24.69 -8.25
CA THR D 317 -4.34 -24.46 -6.96
C THR D 317 -5.38 -24.45 -5.83
N ILE D 318 -4.98 -24.83 -4.63
CA ILE D 318 -5.94 -24.79 -3.54
C ILE D 318 -5.90 -23.37 -3.00
N GLY D 319 -7.04 -22.88 -2.51
CA GLY D 319 -7.08 -21.53 -1.98
C GLY D 319 -7.89 -21.56 -0.71
N LYS D 320 -8.65 -20.50 -0.44
CA LYS D 320 -9.48 -20.46 0.75
C LYS D 320 -10.73 -21.30 0.49
N ARG D 321 -11.48 -21.60 1.54
CA ARG D 321 -12.69 -22.40 1.39
C ARG D 321 -13.55 -21.86 0.27
N GLU D 322 -14.08 -20.66 0.49
CA GLU D 322 -14.95 -20.02 -0.49
C GLU D 322 -14.42 -20.35 -1.88
N GLU D 323 -13.15 -20.05 -2.12
CA GLU D 323 -12.55 -20.32 -3.42
C GLU D 323 -12.65 -21.80 -3.76
N ASN D 324 -12.07 -22.65 -2.93
CA ASN D 324 -12.09 -24.07 -3.21
C ASN D 324 -13.50 -24.58 -3.47
N ASP D 325 -14.45 -24.09 -2.68
CA ASP D 325 -15.83 -24.50 -2.85
C ASP D 325 -16.42 -23.97 -4.16
N ILE D 327 -14.77 -23.38 -7.20
CA ILE D 327 -14.30 -24.23 -8.27
C ILE D 327 -15.09 -25.52 -8.32
N LEU D 328 -15.45 -26.03 -7.15
CA LEU D 328 -16.22 -27.27 -7.08
C LEU D 328 -17.60 -27.06 -7.66
N ARG D 329 -18.20 -25.91 -7.38
CA ARG D 329 -19.53 -25.57 -7.86
C ARG D 329 -19.50 -25.43 -9.38
N GLU D 330 -18.51 -24.70 -9.89
CA GLU D 330 -18.38 -24.48 -11.32
C GLU D 330 -18.19 -25.80 -12.04
N LEU D 331 -17.27 -26.62 -11.55
CA LEU D 331 -17.01 -27.89 -12.19
C LEU D 331 -18.18 -28.86 -12.09
N GLU D 332 -19.16 -28.54 -11.26
CA GLU D 332 -20.36 -29.39 -11.11
C GLU D 332 -21.49 -28.96 -12.08
N VAL D 333 -21.58 -27.67 -12.42
CA VAL D 333 -22.63 -27.22 -13.35
C VAL D 333 -22.08 -27.32 -14.76
N PHE D 334 -20.75 -27.39 -14.87
CA PHE D 334 -20.14 -27.51 -16.18
C PHE D 334 -20.42 -28.92 -16.71
N LYS D 335 -19.94 -29.93 -15.98
CA LYS D 335 -20.09 -31.34 -16.33
C LYS D 335 -20.36 -32.20 -15.10
#